data_3EZK
#
_entry.id   3EZK
#
_cell.length_a   1.000
_cell.length_b   1.000
_cell.length_c   1.000
_cell.angle_alpha   90.00
_cell.angle_beta   90.00
_cell.angle_gamma   90.00
#
_symmetry.space_group_name_H-M   'P 1'
#
_entity_poly.entity_id   1
_entity_poly.type   'polypeptide(L)'
_entity_poly.pdbx_seq_one_letter_code
;MEQPINVLNDFHPLNEAGKILIKHPSLAERKDEDGIHWIKSQWDGKWYPEKFSDYLRLHKIVKIPNNSDKPELFQTYKDK
NNKRSRYMGLPNLKRANIKTQWTREMVEEWKKCRDDIVYFAETYCAITHIDYGVIKVQLRDYQRDMLKIMSSKRMTVCNL
SRQLGKTTVVAIFLAHFVCFNKDKAVGILAHKGSMSAEVLDRTKQAIELLPDFLQPGIVEWNKGSIELDNGSSIGAYASS
PDAVRGNSFAMIYIDECAFIPNFHDSWLAIQPVISSGRRSKIIITTTPNGLNHFYDIWTAAVEGKSGFEPYTAIWNSVKE
RLYNDEDIFDDGWQWSIQTINGSSLAQFRQEHTAAFEGTSGTLISGMKLAVMDFIEVTPDDHGFHQFKKPEPDRKYIATL
DCSEGRGQDYHALHIIDVTDDVWEQVGVLHSNTISHLILPDIVMRYLVEYNECPVYIELNSTGVSVAKSLYMDLEYEGVI
CDSYTDLGMKQTKRTKAVGCSTLKDLIEKDKLIIHHRATIQEFRTFSEKGVSWAAEEGYHDDLVMSLVIFGWLSTQSKFI
DYADKDDMRLASEVFSK
;
_entity_poly.pdbx_strand_id   A,B,C,D,E
#
# COMPACT_ATOMS: atom_id res chain seq x y z
CA ASP A 10 -22.20 9.92 -2.36
CA PHE A 11 -25.18 7.65 -1.60
CA HIS A 12 -26.99 7.29 1.71
CA PRO A 13 -28.07 10.89 2.53
CA LEU A 14 -26.88 10.58 6.15
CA ASN A 15 -23.34 10.90 4.77
CA GLU A 16 -23.99 14.39 3.32
CA ALA A 17 -20.67 15.99 4.24
CA GLY A 18 -17.29 14.20 4.32
CA LYS A 19 -18.19 12.59 7.66
CA ILE A 20 -19.33 8.96 7.72
CA LEU A 21 -22.32 8.65 10.06
CA ILE A 22 -23.28 5.23 8.66
CA LYS A 23 -20.99 2.40 7.47
CA HIS A 24 -21.90 0.12 4.56
CA PRO A 25 -22.96 -3.48 5.39
CA SER A 26 -20.08 -4.93 3.29
CA LEU A 27 -17.46 -3.25 5.52
CA ALA A 28 -18.77 -5.10 8.58
CA GLU A 29 -17.05 -8.00 10.35
CA ARG A 30 -18.41 -11.48 9.56
CA LYS A 31 -18.77 -14.75 11.53
CA ASP A 32 -20.13 -18.21 10.61
CA GLU A 33 -21.64 -20.05 13.59
CA ASP A 34 -24.52 -22.43 14.50
CA GLY A 35 -25.33 -23.02 10.82
CA ILE A 36 -25.90 -19.34 9.98
CA HIS A 37 -23.92 -16.35 8.71
CA TRP A 38 -23.62 -13.53 11.26
CA ILE A 39 -22.78 -9.88 10.64
CA LYS A 40 -21.58 -7.46 13.35
CA SER A 41 -23.46 -4.21 13.86
CA GLN A 42 -21.71 -0.84 14.08
CA TRP A 43 -24.29 0.54 16.52
CA ASP A 44 -23.89 -1.88 19.42
CA GLY A 45 -21.05 -4.17 18.31
CA LYS A 46 -23.31 -7.22 18.52
CA TRP A 47 -23.66 -10.18 16.14
CA TYR A 48 -26.77 -10.33 13.98
CA PRO A 49 -27.89 -13.13 11.63
CA GLU A 50 -27.86 -12.34 7.90
CA LYS A 51 -31.38 -13.72 7.42
CA PHE A 52 -34.27 -11.87 9.09
CA SER A 53 -36.03 -15.22 9.53
CA ASP A 54 -33.08 -16.25 11.74
CA TYR A 55 -33.50 -13.15 13.90
CA LEU A 56 -37.16 -13.99 14.57
CA ARG A 57 -36.09 -17.56 15.33
CA LEU A 58 -33.83 -16.11 18.06
CA HIS A 59 -36.64 -13.88 19.30
CA LYS A 60 -39.54 -16.33 19.52
CA ILE A 61 -42.88 -15.22 20.92
CA VAL A 62 -43.69 -16.77 24.31
CA LYS A 63 -47.31 -17.34 25.39
CA ILE A 64 -48.39 -16.75 28.98
CA PRO A 65 -51.10 -19.42 29.15
CA ASN A 66 -54.64 -18.84 30.49
CA ASN A 67 -54.78 -19.77 34.17
CA SER A 68 -57.83 -19.33 36.36
CA ASP A 69 -58.04 -23.12 36.82
CA LYS A 70 -54.87 -23.94 38.74
CA PRO A 71 -54.18 -21.79 41.83
CA GLU A 72 -51.06 -23.84 42.63
CA LEU A 73 -49.40 -22.48 39.46
CA PHE A 74 -48.95 -18.99 40.91
CA GLN A 75 -46.66 -17.79 38.09
CA THR A 76 -49.67 -17.41 35.77
CA TYR A 77 -52.63 -17.78 38.13
CA LYS A 78 -55.36 -15.15 38.19
CA ASP A 79 -58.67 -15.60 39.99
CA LYS A 80 -60.59 -14.14 37.05
CA ASN A 81 -63.82 -16.14 37.46
CA ASN A 82 -64.43 -15.56 41.18
CA LYS A 83 -66.11 -12.16 40.91
CA ARG A 84 -65.84 -11.35 44.65
CA SER A 85 -62.05 -11.40 44.24
CA ARG A 86 -62.26 -9.12 41.20
CA TYR A 87 -62.06 -5.34 41.56
CA MET A 88 -65.27 -3.77 40.18
CA GLY A 89 -65.98 -7.17 38.55
CA LEU A 90 -63.11 -6.64 36.10
CA PRO A 91 -61.56 -10.08 35.37
CA ASN A 92 -57.96 -8.82 35.07
CA LEU A 93 -57.91 -6.92 38.37
CA LYS A 94 -58.14 -8.21 41.90
CA ARG A 95 -60.06 -6.52 44.73
CA ALA A 96 -58.09 -4.71 47.43
CA ASN A 97 -57.14 -6.40 50.73
CA ILE A 98 -57.34 -10.03 49.57
CA LYS A 99 -54.95 -12.10 51.69
CA THR A 100 -52.69 -14.21 49.47
CA GLN A 101 -51.98 -17.82 50.46
CA TRP A 102 -48.17 -17.48 50.54
CA THR A 103 -46.10 -20.60 49.92
CA ARG A 104 -42.30 -20.80 50.31
CA GLU A 105 -41.93 -21.15 46.53
CA MET A 106 -44.04 -18.00 46.06
CA VAL A 107 -42.14 -15.76 48.48
CA GLU A 108 -38.86 -16.52 46.69
CA GLU A 109 -40.29 -15.70 43.25
CA TRP A 110 -41.87 -12.49 44.56
CA LYS A 111 -38.54 -11.41 46.08
CA LYS A 112 -36.79 -12.42 42.85
CA CYS A 113 -39.07 -10.12 40.82
CA ARG A 114 -38.57 -7.35 43.37
CA ASP A 115 -34.77 -7.45 43.18
CA ASP A 116 -34.34 -8.43 39.50
CA ILE A 117 -36.39 -5.99 37.40
CA VAL A 118 -35.20 -7.43 34.08
CA TYR A 119 -36.39 -10.90 35.14
CA PHE A 120 -39.72 -9.43 36.23
CA ALA A 121 -40.01 -7.61 32.89
CA GLU A 122 -39.07 -10.60 30.75
CA THR A 123 -41.31 -13.05 32.60
CA TYR A 124 -44.44 -11.31 33.81
CA CYS A 125 -45.00 -8.23 31.67
CA ALA A 126 -47.42 -9.08 28.86
CA ILE A 127 -49.51 -7.40 26.12
CA THR A 128 -52.45 -9.63 25.02
CA HIS A 129 -52.21 -10.47 21.32
CA ILE A 130 -55.21 -11.17 19.07
CA ASP A 131 -53.63 -14.27 17.48
CA TYR A 132 -51.48 -15.66 20.31
CA GLY A 133 -53.37 -14.46 23.40
CA VAL A 134 -51.42 -13.23 26.40
CA ILE A 135 -47.74 -13.17 25.41
CA LYS A 136 -44.53 -12.00 27.06
CA VAL A 137 -43.32 -8.57 26.04
CA GLN A 138 -40.22 -9.23 23.95
CA LEU A 139 -37.89 -6.61 25.45
CA ARG A 140 -35.22 -4.73 23.52
CA ASP A 141 -31.58 -4.18 24.44
CA TYR A 142 -32.11 -0.43 24.93
CA GLN A 143 -35.11 -1.13 27.16
CA ARG A 144 -33.19 -3.67 29.24
CA ASP A 145 -30.31 -1.18 29.72
CA MET A 146 -32.86 1.46 30.66
CA LEU A 147 -34.57 -0.81 33.22
CA LYS A 148 -31.24 -1.57 34.92
CA ILE A 149 -30.25 2.12 34.99
CA MET A 150 -33.67 3.39 36.13
CA SER A 151 -33.56 0.72 38.86
CA SER A 152 -29.98 0.86 40.19
CA LYS A 153 -29.67 4.66 40.06
CA ARG A 154 -31.69 7.23 42.02
CA MET A 155 -31.74 9.82 39.22
CA THR A 156 -31.64 8.96 35.52
CA VAL A 157 -32.07 11.05 32.36
CA CYS A 158 -32.63 9.48 28.95
CA ASN A 159 -31.98 11.37 25.74
CA LEU A 160 -33.93 9.18 23.33
CA SER A 161 -35.24 9.51 19.79
CA ARG A 162 -38.90 9.28 18.76
CA GLN A 163 -40.50 6.10 17.36
CA LEU A 164 -38.86 3.91 20.00
CA GLY A 165 -41.54 2.34 22.19
CA LYS A 166 -40.04 3.87 25.34
CA THR A 167 -43.44 3.96 27.04
CA THR A 168 -43.39 0.13 26.98
CA VAL A 169 -40.30 0.17 29.23
CA VAL A 170 -41.27 3.26 31.25
CA ALA A 171 -44.58 1.51 32.01
CA ILE A 172 -42.88 -1.73 33.08
CA PHE A 173 -40.58 0.13 35.45
CA LEU A 174 -43.40 2.17 36.99
CA ALA A 175 -45.39 -1.06 37.34
CA HIS A 176 -42.42 -2.78 39.02
CA PHE A 177 -41.94 0.15 41.38
CA VAL A 178 -45.51 0.26 42.72
CA CYS A 179 -45.88 -3.55 42.83
CA PHE A 180 -42.74 -4.19 44.91
CA ASN A 181 -42.66 -1.15 47.17
CA LYS A 182 -45.16 -0.28 49.91
CA ASP A 183 -46.52 3.27 50.40
CA LYS A 184 -44.89 4.86 47.35
CA ALA A 185 -46.38 7.91 45.65
CA VAL A 186 -45.54 8.23 41.97
CA GLY A 187 -46.15 11.32 39.87
CA ILE A 188 -46.01 11.26 36.09
CA LEU A 189 -45.46 14.79 34.77
CA ALA A 190 -45.83 15.82 31.12
CA HIS A 191 -46.60 18.87 28.95
CA LYS A 192 -50.27 17.87 28.74
CA GLY A 193 -51.86 15.72 31.45
CA SER A 194 -53.33 13.56 28.66
CA MET A 195 -49.79 12.53 27.72
CA SER A 196 -49.23 11.63 31.39
CA ALA A 197 -52.52 9.71 31.29
CA GLU A 198 -51.25 7.71 28.29
CA VAL A 199 -48.12 6.69 30.19
CA LEU A 200 -50.33 5.75 33.15
CA ASP A 201 -52.62 3.74 30.85
CA ARG A 202 -49.66 1.66 29.70
CA THR A 203 -48.54 0.94 33.28
CA LYS A 204 -52.10 -0.20 33.97
CA GLN A 205 -51.95 -2.40 30.84
CA ALA A 206 -48.87 -4.03 32.39
CA ILE A 207 -50.39 -4.31 35.90
CA GLU A 208 -53.66 -5.87 34.68
CA LEU A 209 -51.80 -8.76 33.03
CA LEU A 210 -49.78 -9.67 36.13
CA PRO A 211 -50.52 -12.91 38.02
CA ASP A 212 -52.43 -12.59 41.31
CA PHE A 213 -49.31 -13.08 43.46
CA LEU A 214 -47.51 -10.06 41.93
CA GLN A 215 -50.58 -7.90 41.45
CA PRO A 216 -51.40 -5.87 44.54
CA GLY A 217 -55.10 -5.17 45.12
CA ILE A 218 -56.72 -2.26 43.33
CA VAL A 219 -58.05 0.57 45.53
CA GLU A 220 -58.40 3.29 42.89
CA TRP A 221 -58.22 2.72 39.13
CA ASN A 222 -59.03 5.57 36.76
CA LYS A 223 -57.63 7.70 33.92
CA GLY A 224 -56.01 10.25 36.24
CA SER A 225 -54.57 7.96 38.91
CA ILE A 226 -54.36 4.47 40.40
CA GLU A 227 -53.96 3.25 43.97
CA LEU A 228 -53.05 -0.19 45.31
CA ASP A 229 -53.71 -2.03 48.58
CA ASN A 230 -50.02 -1.71 49.54
CA GLY A 231 -50.28 2.09 49.72
CA SER A 232 -48.49 2.88 46.46
CA SER A 233 -49.98 5.15 43.83
CA ILE A 234 -49.34 6.58 40.37
CA GLY A 235 -50.64 10.04 39.41
CA ALA A 236 -50.90 11.54 35.93
CA TYR A 237 -50.23 15.31 35.99
CA ALA A 238 -49.72 18.16 33.56
CA SER A 239 -46.35 19.57 34.62
CA SER A 240 -46.69 22.43 37.10
CA PRO A 241 -44.94 23.79 40.24
CA ASP A 242 -48.30 23.06 41.96
CA ALA A 243 -48.04 19.29 41.39
CA VAL A 244 -44.55 18.90 42.92
CA ARG A 245 -45.03 21.00 46.09
CA GLY A 246 -48.59 19.78 46.81
CA ASN A 247 -47.79 16.04 46.77
CA SER A 248 -45.20 13.97 48.64
CA PHE A 249 -43.78 12.03 45.68
CA ALA A 250 -41.55 9.01 46.28
CA MET A 251 -40.84 8.95 42.54
CA ILE A 252 -41.17 11.59 39.83
CA TYR A 253 -41.19 10.54 36.18
CA ILE A 254 -40.97 13.50 33.81
CA ASP A 255 -42.33 12.56 30.37
CA GLU A 256 -41.13 14.36 27.22
CA CYS A 257 -39.20 16.86 29.36
CA ALA A 258 -37.54 18.89 26.61
CA PHE A 259 -40.96 19.93 25.26
CA ILE A 260 -42.31 21.39 28.52
CA PRO A 261 -42.49 25.21 28.22
CA ASN A 262 -41.74 27.37 31.31
CA PHE A 263 -40.10 24.38 33.01
CA HIS A 264 -37.68 26.48 35.10
CA ASP A 265 -40.17 27.00 37.96
CA SER A 266 -41.29 23.36 37.82
CA TRP A 267 -37.61 22.33 37.83
CA LEU A 268 -36.86 24.56 40.85
CA ALA A 269 -39.86 22.94 42.56
CA ILE A 270 -38.28 19.51 41.90
CA GLN A 271 -34.84 20.39 43.35
CA PRO A 272 -35.84 20.19 47.06
CA VAL A 273 -37.50 16.81 46.37
CA ILE A 274 -34.12 15.76 44.93
CA SER A 275 -31.80 17.18 47.62
CA SER A 276 -32.05 15.49 49.90
CA GLY A 277 -34.38 14.48 52.74
CA ARG A 278 -36.97 12.60 50.68
CA ARG A 279 -34.38 11.92 47.96
CA SER A 280 -37.09 10.65 45.61
CA LYS A 281 -36.18 8.84 42.41
CA ILE A 282 -36.23 11.11 39.35
CA ILE A 283 -36.57 9.54 35.91
CA ILE A 284 -36.49 11.82 32.90
CA THR A 285 -37.07 10.61 29.33
CA THR A 286 -37.34 12.82 26.25
CA THR A 287 -36.32 13.56 22.69
CA PRO A 288 -34.16 16.70 22.54
CA ASN A 289 -35.53 20.16 21.78
CA GLY A 290 -32.65 22.46 20.80
CA LEU A 291 -30.50 24.17 23.41
CA ASN A 292 -33.24 24.63 26.00
CA HIS A 293 -33.37 23.75 29.71
CA PHE A 294 -32.97 20.05 28.81
CA TYR A 295 -29.59 20.57 27.15
CA ASP A 296 -28.42 21.94 30.52
CA ILE A 297 -29.71 18.87 32.39
CA TRP A 298 -28.16 16.43 29.90
CA THR A 299 -24.85 18.33 29.77
CA ALA A 300 -24.61 18.32 33.57
CA ALA A 301 -25.42 14.60 33.60
CA VAL A 302 -23.05 13.67 30.80
CA GLU A 303 -20.23 15.85 32.21
CA GLY A 304 -20.75 14.14 35.59
CA LYS A 305 -21.78 17.30 37.42
CA SER A 306 -25.33 16.39 38.44
CA GLY A 307 -25.94 13.04 40.17
CA PHE A 308 -28.05 12.08 37.14
CA GLU A 309 -27.17 8.96 35.16
CA PRO A 310 -27.30 9.74 31.42
CA TYR A 311 -28.61 7.18 28.95
CA THR A 312 -29.30 7.38 25.21
CA ALA A 313 -30.88 5.31 22.44
CA ILE A 314 -31.83 6.10 18.85
CA TRP A 315 -33.43 4.63 15.69
CA ASN A 316 -30.94 1.74 15.42
CA SER A 317 -32.12 0.35 18.79
CA VAL A 318 -35.13 -1.03 16.92
CA LYS A 319 -33.31 -3.99 15.38
CA GLU A 320 -36.10 -4.66 12.85
CA ARG A 321 -34.76 -1.65 10.96
CA LEU A 322 -31.40 -3.42 10.47
CA TYR A 323 -32.97 -5.76 7.90
CA ASN A 324 -33.94 -4.61 4.40
CA ASP A 325 -36.93 -5.45 2.14
CA GLU A 326 -35.20 -8.67 1.00
CA ASP A 327 -34.99 -9.80 4.67
CA ILE A 328 -31.19 -9.50 4.68
CA PHE A 329 -29.12 -7.78 7.36
CA ASP A 330 -27.88 -4.38 6.17
CA ASP A 331 -27.30 -2.65 9.54
CA GLY A 332 -30.11 -0.18 8.78
CA TRP A 333 -28.74 1.03 5.45
CA GLN A 334 -31.99 0.65 3.48
CA TRP A 335 -34.44 1.58 6.24
CA SER A 336 -32.63 4.86 6.88
CA ILE A 337 -32.43 5.72 3.17
CA GLN A 338 -36.18 5.05 2.83
CA THR A 339 -37.03 6.97 6.01
CA ILE A 340 -35.02 9.94 4.71
CA ASN A 341 -36.23 9.77 1.08
CA GLY A 342 -39.80 9.71 2.41
CA SER A 343 -39.14 12.96 4.29
CA SER A 344 -35.98 15.02 4.95
CA LEU A 345 -32.51 14.80 6.56
CA ALA A 346 -33.45 17.65 8.92
CA GLN A 347 -36.51 15.68 10.04
CA PHE A 348 -34.66 12.37 10.46
CA ARG A 349 -32.21 14.15 12.77
CA GLN A 350 -35.06 15.44 14.96
CA GLU A 351 -37.20 12.28 14.75
CA HIS A 352 -34.62 9.49 14.89
CA THR A 353 -31.19 10.70 16.10
CA ALA A 354 -31.57 12.55 19.44
CA ALA A 355 -29.15 15.29 18.33
CA PHE A 356 -29.45 18.80 19.74
CA GLU A 357 -30.32 21.44 17.11
CA GLY A 358 -27.83 24.32 17.03
CA THR A 359 -24.56 23.00 18.47
CA SER A 360 -22.99 20.01 16.71
CA GLY A 361 -14.71 12.46 25.48
CA THR A 362 -11.23 13.20 26.82
CA LEU A 363 -10.81 14.34 30.44
CA ILE A 364 -8.26 16.90 29.32
CA SER A 365 -9.55 19.16 26.54
CA GLY A 366 -7.82 18.93 23.16
CA MET A 367 -7.22 22.69 23.44
CA LYS A 368 -4.70 21.67 26.12
CA LEU A 369 -3.52 18.32 24.72
CA ALA A 370 -2.20 20.23 21.67
CA VAL A 371 -0.14 22.81 23.57
CA MET A 372 1.45 20.03 25.64
CA ASP A 373 5.12 19.53 24.80
CA PHE A 374 7.37 16.70 25.97
CA ILE A 375 10.95 15.93 26.98
CA GLU A 376 12.36 13.01 24.98
CA VAL A 377 14.70 10.90 27.12
CA THR A 378 16.44 7.50 27.15
CA PRO A 379 15.19 5.40 30.07
CA ASP A 380 17.03 2.77 32.12
CA ASP A 381 17.65 -0.43 32.24
CA HIS A 382 14.52 -0.40 34.39
CA GLY A 383 11.57 1.68 33.16
CA PHE A 384 12.80 5.01 34.52
CA HIS A 385 12.63 8.21 32.46
CA GLN A 386 14.57 11.07 34.09
CA PHE A 387 13.42 14.51 32.95
CA LYS A 388 15.10 16.73 35.51
CA LYS A 389 17.67 15.41 38.00
CA PRO A 390 17.07 15.56 41.75
CA GLU A 391 18.43 18.62 43.55
CA PRO A 392 19.08 19.54 47.20
CA ASP A 393 16.20 21.22 49.08
CA ARG A 394 13.72 20.38 46.31
CA LYS A 395 10.56 18.62 47.52
CA TYR A 396 9.35 15.63 45.49
CA ILE A 397 6.15 13.52 45.52
CA ALA A 398 5.71 10.05 44.04
CA THR A 399 2.57 8.16 43.05
CA LEU A 400 2.53 4.51 42.06
CA ASP A 401 -0.11 2.61 40.13
CA CYS A 402 0.87 -1.05 40.22
CA SER A 403 -0.92 -3.54 37.98
CA GLU A 404 -1.40 -6.46 38.15
CA GLY A 405 -2.07 -8.01 35.67
CA ARG A 406 1.15 -7.49 33.74
CA GLY A 407 -0.05 -7.05 31.13
CA GLN A 408 -2.69 -5.82 30.43
CA ASP A 409 -1.20 -3.31 32.19
CA TYR A 410 1.99 -1.47 33.27
CA HIS A 411 3.52 -0.27 36.55
CA ALA A 412 3.38 3.51 36.57
CA LEU A 413 5.44 5.64 38.95
CA HIS A 414 5.37 9.43 38.77
CA ILE A 415 7.80 11.67 40.62
CA ILE A 416 6.57 15.29 40.89
CA ASP A 417 8.69 18.30 41.89
CA VAL A 418 6.42 20.00 44.43
CA THR A 419 8.85 22.76 45.60
CA ASP A 420 7.53 25.68 43.51
CA ASP A 421 4.01 26.49 42.43
CA VAL A 422 3.88 25.06 39.63
CA TRP A 423 4.52 21.35 40.11
CA GLU A 424 6.73 19.52 37.63
CA GLN A 425 6.86 15.86 36.60
CA VAL A 426 10.59 15.10 36.94
CA GLY A 427 10.64 11.29 36.63
CA VAL A 428 8.52 8.38 35.45
CA LEU A 429 8.89 4.64 35.91
CA HIS A 430 6.88 2.73 33.33
CA SER A 431 7.27 -1.03 32.99
CA ASN A 432 5.41 -4.25 32.24
CA THR A 433 8.59 -6.31 32.71
CA ILE A 434 9.60 -5.87 36.37
CA SER A 435 7.98 -8.34 38.77
CA HIS A 436 6.00 -6.91 41.68
CA LEU A 437 8.39 -8.82 43.97
CA ILE A 438 11.55 -7.00 42.81
CA LEU A 439 9.64 -3.72 42.25
CA PRO A 440 9.80 -2.24 45.80
CA ASP A 441 13.63 -2.19 45.79
CA ILE A 442 13.71 -0.68 42.28
CA VAL A 443 11.19 2.03 43.13
CA MET A 444 13.04 2.78 46.39
CA ARG A 445 16.32 3.85 44.73
CA TYR A 446 14.40 6.47 42.73
CA LEU A 447 12.50 7.60 45.83
CA VAL A 448 15.82 7.80 47.71
CA GLU A 449 17.56 9.49 44.74
CA TYR A 450 14.92 12.25 44.87
CA ASN A 451 15.63 13.45 48.45
CA GLU A 452 13.76 10.64 50.30
CA CYS A 453 10.71 11.06 48.07
CA PRO A 454 7.47 10.23 49.89
CA VAL A 455 5.22 7.88 47.91
CA TYR A 456 1.44 7.42 47.58
CA ILE A 457 0.64 3.90 46.40
CA GLU A 458 -2.65 2.78 44.89
CA LEU A 459 -3.91 0.03 47.15
CA ASN A 460 -4.86 -2.55 44.53
CA SER A 461 -3.98 -6.25 44.92
CA THR A 462 -0.39 -5.54 43.87
CA GLY A 463 -0.15 -2.14 45.58
CA VAL A 464 -1.12 -3.44 49.03
CA SER A 465 1.72 -5.92 48.55
CA VAL A 466 4.47 -3.50 47.41
CA ALA A 467 3.54 -0.88 50.02
CA LYS A 468 4.11 -3.58 52.62
CA SER A 469 7.58 -4.33 51.25
CA LEU A 470 8.41 -0.61 51.21
CA TYR A 471 7.11 0.26 54.69
CA MET A 472 7.97 -2.99 56.53
CA ASP A 473 10.65 -5.03 54.74
CA LEU A 474 12.70 -2.08 53.44
CA GLU A 475 11.74 0.35 56.27
CA TYR A 476 11.37 3.36 53.93
CA GLU A 477 9.74 5.87 56.26
CA GLY A 478 8.31 7.88 53.36
CA VAL A 479 5.21 5.99 52.25
CA ILE A 480 1.95 7.95 52.38
CA CYS A 481 -0.98 6.14 54.01
CA ASP A 482 -4.73 6.76 54.19
CA SER A 483 -4.77 4.95 57.53
CA TYR A 484 -2.64 2.45 59.44
CA THR A 485 -4.51 -0.46 57.86
CA ASP A 486 -4.31 1.16 54.42
CA LEU A 487 -0.68 1.93 53.49
CA GLY A 488 -1.48 4.09 50.47
CA MET A 489 -4.51 5.31 48.53
CA LYS A 490 -7.65 3.26 49.17
CA GLN A 491 -9.63 2.81 45.95
CA THR A 492 -13.15 4.29 45.97
CA LYS A 493 -15.57 5.55 43.29
CA ARG A 494 -15.31 9.09 44.73
CA THR A 495 -11.50 9.25 45.13
CA LYS A 496 -11.15 8.44 41.42
CA ALA A 497 -13.85 10.95 40.45
CA VAL A 498 -12.31 13.92 42.32
CA GLY A 499 -8.83 12.62 41.50
CA CYS A 500 -9.73 12.97 37.82
CA SER A 501 -11.43 16.33 38.43
CA THR A 502 -8.38 17.69 40.24
CA LEU A 503 -6.01 16.21 37.66
CA LYS A 504 -7.95 17.97 34.88
CA ASP A 505 -7.63 21.28 36.77
CA LEU A 506 -3.94 20.81 37.55
CA ILE A 507 -3.03 20.14 33.92
CA GLU A 508 -5.25 22.78 32.30
CA LYS A 509 -4.47 25.63 34.71
CA ASP A 510 -0.79 24.66 34.29
CA LYS A 511 -0.31 23.87 37.98
CA LEU A 512 1.09 20.49 37.00
CA ILE A 513 3.53 20.15 34.13
CA ILE A 514 3.83 16.82 32.32
CA HIS A 515 7.09 16.08 30.46
CA HIS A 516 6.49 12.44 29.50
CA ARG A 517 5.33 11.92 25.87
CA ALA A 518 3.65 8.57 26.63
CA THR A 519 1.83 10.14 29.57
CA ILE A 520 0.52 12.95 27.37
CA GLN A 521 -0.30 10.29 24.73
CA GLU A 522 -2.34 8.29 27.26
CA PHE A 523 -4.29 11.45 28.08
CA ARG A 524 -5.19 11.61 24.38
CA THR A 525 -7.24 8.43 24.73
CA PHE A 526 -8.23 8.89 28.37
CA SER A 527 -11.87 9.77 27.78
CA GLU A 528 -15.56 9.42 28.70
CA LYS A 529 -16.44 5.93 29.86
CA GLY A 530 -19.63 7.12 31.51
CA VAL A 531 -19.95 7.65 34.28
CA SER A 532 -16.15 7.78 34.67
CA TRP A 533 -13.01 7.77 32.51
CA ALA A 534 -10.86 5.16 30.74
CA ALA A 535 -9.76 3.36 28.42
CA GLU A 536 -10.06 3.08 25.32
CA GLU A 537 -9.99 0.49 23.85
CA GLY A 538 -6.39 -0.32 24.76
CA TYR A 539 -4.52 2.01 24.82
CA HIS A 540 -3.43 1.81 28.44
CA ASP A 541 -4.29 4.32 31.18
CA ASP A 542 -1.68 3.29 33.81
CA LEU A 543 0.24 6.57 33.48
CA VAL A 544 -2.93 8.67 33.73
CA MET A 545 -4.31 6.59 36.60
CA SER A 546 -1.11 7.03 38.59
CA LEU A 547 -1.47 10.79 38.06
CA VAL A 548 -5.09 10.58 39.21
CA ILE A 549 -3.69 9.16 42.47
CA PHE A 550 -1.63 12.35 42.68
CA GLY A 551 -4.66 14.47 41.75
CA TRP A 552 -6.57 13.02 44.70
CA LEU A 553 -3.52 13.38 46.98
CA SER A 554 -3.35 17.02 45.90
CA THR A 555 -6.68 17.73 47.63
CA GLN A 556 -5.48 16.20 50.91
CA SER A 557 -4.44 18.50 53.75
CA LYS A 558 -1.38 16.40 54.65
CA PHE A 559 -0.12 16.99 51.10
CA ILE A 560 0.39 20.75 51.68
CA ASP A 561 3.21 19.99 51.65
CA TYR A 562 5.50 16.93 51.87
CA ASP B 10 -23.08 -5.24 -6.01
CA PHE B 11 -23.60 -8.04 -8.59
CA HIS B 12 -24.20 -11.72 -7.88
CA PRO B 13 -27.29 -11.68 -5.60
CA LEU B 14 -25.71 -14.18 -3.18
CA ASN B 15 -23.57 -11.28 -1.94
CA GLU B 16 -26.60 -9.24 -0.80
CA ALA B 17 -25.15 -7.87 2.43
CA GLY B 18 -21.50 -6.95 3.01
CA LYS B 19 -20.59 -10.64 3.38
CA ILE B 20 -18.94 -12.43 0.45
CA LEU B 21 -20.56 -15.86 0.06
CA ILE B 22 -19.13 -16.32 -3.46
CA LYS B 23 -15.73 -15.21 -4.82
CA HIS B 24 -15.27 -14.03 -8.41
CA PRO B 25 -13.47 -16.41 -10.84
CA SER B 26 -10.70 -13.82 -11.52
CA LEU B 27 -9.63 -13.83 -7.85
CA ALA B 28 -8.89 -17.56 -8.00
CA GLU B 29 -5.44 -19.17 -8.05
CA ARG B 30 -4.18 -20.34 -11.45
CA LYS B 31 -1.95 -23.20 -12.68
CA ASP B 32 -0.72 -24.26 -16.14
CA GLU B 33 -0.15 -28.01 -16.44
CA ASP B 34 -0.49 -30.91 -18.94
CA GLY B 35 -1.19 -28.49 -21.81
CA ILE B 36 -4.21 -26.84 -20.15
CA HIS B 37 -4.99 -23.87 -17.90
CA TRP B 38 -6.31 -24.86 -14.47
CA ILE B 39 -8.26 -22.75 -12.00
CA LYS B 40 -8.65 -23.57 -8.29
CA SER B 41 -12.14 -23.80 -6.82
CA GLN B 42 -13.13 -22.02 -3.60
CA TRP B 43 -15.58 -24.78 -2.63
CA ASP B 44 -13.24 -27.76 -2.39
CA GLY B 45 -9.80 -26.27 -3.07
CA LYS B 46 -9.33 -28.53 -6.11
CA TRP B 47 -7.93 -27.74 -9.56
CA TYR B 48 -10.37 -27.50 -12.44
CA PRO B 49 -9.62 -27.05 -16.16
CA GLU B 50 -10.66 -23.73 -17.72
CA LYS B 51 -12.34 -25.47 -20.67
CA PHE B 52 -15.44 -27.57 -19.97
CA SER B 53 -14.37 -29.89 -22.82
CA ASP B 54 -11.24 -30.63 -20.76
CA TYR B 55 -13.34 -31.56 -17.72
CA LEU B 56 -15.32 -34.12 -19.75
CA ARG B 57 -12.02 -35.42 -21.12
CA LEU B 58 -10.98 -36.10 -17.50
CA HIS B 59 -14.35 -37.70 -16.76
CA LYS B 60 -14.75 -40.06 -19.71
CA ILE B 61 -17.72 -42.41 -19.87
CA VAL B 62 -16.78 -46.08 -19.40
CA LYS B 63 -18.86 -48.86 -20.99
CA ILE B 64 -19.53 -52.10 -19.13
CA PRO B 65 -19.66 -54.41 -22.16
CA ASN B 66 -22.41 -56.99 -22.81
CA ASN B 67 -21.37 -60.36 -21.43
CA SER B 68 -23.56 -63.44 -21.45
CA ASP B 69 -21.08 -65.19 -23.79
CA LYS B 70 -17.96 -65.54 -21.65
CA PRO B 71 -18.48 -67.00 -18.15
CA GLU B 72 -14.73 -66.85 -17.47
CA LEU B 73 -14.90 -63.04 -17.51
CA PHE B 74 -16.73 -62.83 -14.19
CA GLN B 75 -16.28 -59.05 -13.83
CA THR B 76 -19.05 -58.45 -16.40
CA TYR B 77 -20.60 -61.92 -16.82
CA LYS B 78 -24.34 -62.37 -16.44
CA ASP B 79 -26.18 -65.56 -17.39
CA LYS B 80 -28.97 -63.57 -19.05
CA ASN B 81 -29.89 -66.10 -21.77
CA ASN B 82 -30.19 -69.22 -19.61
CA LYS B 83 -33.75 -68.68 -18.37
CA ARG B 84 -33.57 -71.31 -15.60
CA SER B 85 -30.86 -69.22 -13.96
CA ARG B 86 -32.98 -66.07 -14.27
CA TYR B 87 -35.35 -65.01 -11.48
CA MET B 88 -38.93 -64.88 -12.86
CA GLY B 89 -37.37 -65.02 -16.35
CA LEU B 90 -36.00 -61.48 -15.93
CA PRO B 91 -32.65 -61.31 -17.82
CA ASN B 92 -30.95 -58.94 -15.34
CA LEU B 93 -31.73 -60.97 -12.22
CA LYS B 94 -30.52 -64.40 -11.20
CA ARG B 95 -32.65 -67.04 -9.48
CA ALA B 96 -32.08 -67.71 -5.77
CA ASN B 97 -29.78 -70.51 -4.55
CA ILE B 98 -27.63 -70.87 -7.68
CA LYS B 99 -24.20 -72.16 -6.65
CA THR B 100 -21.45 -69.99 -8.14
CA GLN B 101 -18.36 -71.67 -9.59
CA TRP B 102 -15.82 -69.82 -7.41
CA THR B 103 -12.30 -69.38 -8.76
CA ARG B 104 -9.37 -67.98 -6.75
CA GLU B 105 -9.40 -64.82 -8.91
CA MET B 106 -13.12 -64.38 -8.18
CA VAL B 107 -12.93 -64.72 -4.38
CA GLU B 108 -10.29 -61.96 -4.24
CA GLU B 109 -12.36 -59.55 -6.35
CA TRP B 110 -15.50 -60.30 -4.31
CA LYS B 111 -13.62 -59.61 -1.06
CA LYS B 112 -12.11 -56.48 -2.66
CA CYS B 113 -15.59 -55.13 -3.45
CA ARG B 114 -16.76 -56.06 0.06
CA ASP B 115 -13.97 -54.13 1.80
CA ASP B 116 -13.52 -51.27 -0.68
CA ILE B 117 -16.95 -49.69 -1.29
CA VAL B 118 -15.58 -46.91 -3.51
CA TYR B 119 -13.94 -49.49 -5.78
CA PHE B 120 -17.20 -51.47 -5.88
CA ALA B 121 -19.10 -48.27 -6.72
CA GLU B 122 -16.71 -47.08 -9.41
CA THR B 123 -16.40 -50.48 -11.10
CA TYR B 124 -19.67 -52.36 -10.86
CA CYS B 125 -22.47 -49.85 -10.33
CA ALA B 126 -24.03 -48.98 -13.69
CA ILE B 127 -27.07 -47.17 -15.18
CA THR B 128 -27.83 -48.41 -18.74
CA HIS B 129 -27.61 -45.57 -21.25
CA ILE B 130 -29.63 -45.38 -24.49
CA ASP B 131 -26.62 -44.36 -26.61
CA TYR B 132 -23.72 -46.13 -24.85
CA GLY B 133 -25.46 -49.14 -23.29
CA VAL B 134 -24.46 -50.24 -19.81
CA ILE B 135 -21.99 -47.69 -18.47
CA LYS B 136 -20.22 -47.12 -15.15
CA VAL B 137 -21.82 -44.58 -12.86
CA GLN B 138 -19.43 -41.63 -12.91
CA LEU B 139 -19.30 -40.86 -9.18
CA ARG B 140 -18.92 -37.41 -7.68
CA ASP B 141 -16.53 -36.25 -4.96
CA TYR B 142 -19.38 -35.65 -2.49
CA GLN B 143 -20.76 -39.13 -3.22
CA ARG B 144 -17.36 -40.76 -2.74
CA ASP B 145 -16.89 -38.95 0.61
CA MET B 146 -20.39 -40.04 1.58
CA LEU B 147 -19.73 -43.70 0.67
CA LYS B 148 -16.57 -43.77 2.81
CA ILE B 149 -18.34 -42.12 5.76
CA MET B 150 -21.51 -44.24 5.52
CA SER B 151 -19.24 -47.31 5.36
CA SER B 152 -16.56 -46.65 7.99
CA LYS B 153 -18.93 -45.14 10.57
CA ARG B 154 -21.85 -46.83 12.34
CA MET B 155 -24.03 -43.70 12.44
CA THR B 156 -23.90 -40.93 9.85
CA VAL B 157 -26.07 -37.85 9.23
CA CYS B 158 -25.89 -35.86 5.99
CA ASN B 159 -27.16 -32.30 5.76
CA LEU B 160 -27.43 -31.99 1.99
CA SER B 161 -29.11 -29.62 -0.44
CA ARG B 162 -31.74 -30.58 -3.01
CA GLN B 163 -30.94 -31.26 -6.69
CA LEU B 164 -27.89 -33.37 -5.82
CA GLY B 165 -28.45 -36.94 -6.97
CA LYS B 166 -27.96 -38.28 -3.45
CA THR B 167 -30.24 -41.26 -4.15
CA THR B 168 -27.61 -42.46 -6.67
CA VAL B 169 -25.09 -42.82 -3.82
CA VAL B 170 -27.60 -43.90 -1.15
CA ALA B 171 -28.71 -46.67 -3.54
CA ILE B 172 -25.13 -47.82 -4.21
CA PHE B 173 -24.39 -48.05 -0.50
CA LEU B 174 -27.59 -49.95 0.29
CA ALA B 175 -26.79 -52.25 -2.64
CA HIS B 176 -23.24 -52.79 -1.33
CA PHE B 177 -24.55 -53.51 2.17
CA VAL B 178 -27.02 -56.25 1.18
CA CYS B 179 -24.69 -57.80 -1.44
CA PHE B 180 -21.69 -58.22 0.89
CA ASN B 181 -23.37 -59.01 4.20
CA LYS B 182 -25.38 -62.14 5.03
CA ASP B 183 -28.70 -61.99 6.97
CA LYS B 184 -29.03 -58.20 7.11
CA ALA B 185 -32.41 -56.50 7.41
CA VAL B 186 -32.54 -53.00 5.97
CA GLY B 187 -35.37 -50.54 6.52
CA ILE B 188 -35.75 -47.41 4.42
CA LEU B 189 -37.94 -44.90 6.27
CA ALA B 190 -39.42 -41.75 4.71
CA HIS B 191 -42.35 -39.32 5.12
CA LYS B 192 -44.35 -41.22 2.49
CA GLY B 193 -43.66 -44.90 1.80
CA SER B 194 -43.65 -44.04 -1.93
CA MET B 195 -40.53 -41.95 -1.34
CA SER B 196 -39.00 -44.98 0.41
CA ALA B 197 -40.09 -47.09 -2.57
CA GLU B 198 -38.25 -44.72 -4.92
CA VAL B 199 -35.03 -45.12 -2.94
CA LEU B 200 -35.56 -48.89 -3.02
CA ASP B 201 -36.20 -48.77 -6.78
CA ARG B 202 -32.80 -47.13 -7.29
CA THR B 203 -31.00 -49.76 -5.20
CA LYS B 204 -32.70 -52.39 -7.35
CA GLN B 205 -31.55 -50.51 -10.48
CA ALA B 206 -28.01 -50.86 -9.12
CA ILE B 207 -28.41 -54.52 -8.10
CA GLU B 208 -29.89 -55.61 -11.46
CA LEU B 209 -26.82 -54.34 -13.35
CA LEU B 210 -24.31 -56.22 -11.18
CA PRO B 211 -22.39 -59.19 -12.62
CA ASP B 212 -23.52 -62.68 -11.52
CA PHE B 213 -20.62 -63.11 -9.07
CA LEU B 214 -21.59 -60.01 -7.04
CA GLN B 215 -25.35 -60.35 -7.43
CA PRO B 216 -26.87 -62.57 -4.78
CA GLY B 217 -29.93 -64.57 -5.87
CA ILE B 218 -33.32 -62.89 -5.78
CA VAL B 219 -35.89 -64.37 -3.37
CA GLU B 220 -38.36 -61.48 -3.24
CA TRP B 221 -38.37 -58.52 -5.63
CA ASN B 222 -41.22 -56.02 -5.50
CA LYS B 223 -42.05 -52.33 -4.99
CA GLY B 224 -42.28 -52.60 -1.19
CA SER B 225 -39.32 -54.87 -0.47
CA ILE B 226 -36.59 -57.14 -1.82
CA GLU B 227 -34.97 -60.26 -0.41
CA LEU B 228 -31.80 -62.08 -1.46
CA ASP B 229 -30.55 -65.67 -1.17
CA ASN B 230 -27.98 -64.61 1.45
CA GLY B 231 -30.71 -63.61 3.90
CA SER B 232 -30.41 -59.85 3.50
CA SER B 233 -33.40 -57.64 2.76
CA ILE B 234 -34.40 -54.04 2.08
CA GLY B 235 -37.80 -52.72 3.15
CA ALA B 236 -39.50 -49.50 2.06
CA TYR B 237 -41.56 -47.97 4.89
CA ALA B 238 -43.46 -44.80 5.65
CA SER B 239 -41.83 -43.60 8.88
CA SER B 240 -43.67 -44.82 11.98
CA PRO B 241 -42.87 -46.09 15.51
CA ASP B 242 -44.57 -49.33 14.31
CA ALA B 243 -41.91 -50.01 11.65
CA VAL B 244 -38.90 -49.73 14.01
CA ARG B 245 -40.23 -51.85 16.92
CA GLY B 246 -41.88 -54.52 14.73
CA ASN B 247 -38.78 -55.37 12.66
CA SER B 248 -35.23 -56.36 13.65
CA PHE B 249 -33.32 -53.92 11.44
CA ALA B 250 -29.57 -54.36 10.92
CA MET B 251 -29.54 -51.00 9.14
CA ILE B 252 -31.96 -48.06 9.19
CA TYR B 253 -31.78 -45.45 6.44
CA ILE B 254 -33.95 -42.42 7.15
CA ASP B 255 -34.79 -40.57 3.93
CA GLU B 256 -35.59 -36.84 3.94
CA CYS B 257 -35.58 -36.84 7.76
CA ALA B 258 -36.15 -33.13 8.39
CA PHE B 259 -39.51 -33.30 6.58
CA ILE B 260 -41.01 -36.10 8.69
CA PRO B 261 -43.77 -34.66 10.94
CA ASN B 262 -44.26 -36.11 14.46
CA PHE B 263 -40.81 -37.72 14.29
CA HIS B 264 -40.18 -37.59 18.06
CA ASP B 265 -41.93 -40.92 18.75
CA SER B 266 -40.30 -42.54 15.72
CA TRP B 267 -36.94 -41.17 16.90
CA LEU B 268 -37.48 -42.52 20.44
CA ALA B 269 -38.30 -45.89 18.82
CA ILE B 270 -34.94 -45.74 17.00
CA GLN B 271 -32.85 -45.00 20.13
CA PRO B 272 -32.90 -48.57 21.57
CA VAL B 273 -31.92 -49.92 18.13
CA ILE B 274 -28.97 -47.50 18.34
CA SER B 275 -27.87 -48.12 21.96
CA SER B 276 -26.58 -50.66 21.99
CA GLY B 277 -27.19 -54.42 21.76
CA ARG B 278 -28.08 -54.58 18.06
CA ARG B 279 -26.13 -51.37 17.39
CA SER B 280 -27.55 -51.15 13.87
CA LYS B 281 -26.13 -48.73 11.35
CA ILE B 282 -28.14 -45.50 11.09
CA ILE B 283 -27.80 -43.38 7.96
CA ILE B 284 -29.71 -40.12 7.81
CA THR B 285 -29.82 -37.89 4.72
CA THR B 286 -31.94 -34.76 4.30
CA THR B 287 -32.21 -31.14 3.31
CA PRO B 288 -32.79 -28.94 6.37
CA ASN B 289 -36.23 -27.81 7.52
CA GLY B 290 -35.84 -24.89 9.93
CA LEU B 291 -35.08 -25.43 13.60
CA ASN B 292 -37.01 -28.68 13.97
CA HIS B 293 -35.98 -32.06 15.41
CA PHE B 294 -33.32 -32.38 12.69
CA TYR B 295 -31.46 -29.25 13.81
CA ASP B 296 -31.07 -30.99 17.18
CA ILE B 297 -29.66 -34.15 15.57
CA TRP B 298 -27.24 -32.20 13.35
CA THR B 299 -26.15 -29.90 16.20
CA ALA B 300 -25.44 -32.89 18.44
CA ALA B 301 -23.50 -34.53 15.61
CA VAL B 302 -21.55 -31.43 14.62
CA GLU B 303 -20.79 -30.53 18.27
CA GLY B 304 -19.53 -34.11 18.77
CA LYS B 305 -22.16 -35.03 21.37
CA SER B 306 -23.96 -37.84 19.55
CA GLY B 307 -21.89 -40.65 18.02
CA PHE B 308 -23.19 -39.50 14.62
CA GLU B 309 -20.72 -38.51 11.91
CA PRO B 310 -21.87 -35.27 10.25
CA TYR B 311 -21.43 -34.73 6.52
CA THR B 312 -22.60 -31.93 4.21
CA ALA B 313 -22.73 -31.12 0.49
CA ILE B 314 -24.46 -28.37 -1.48
CA TRP B 315 -25.06 -27.04 -5.03
CA ASN B 316 -21.35 -26.62 -5.82
CA SER B 317 -20.78 -30.37 -5.44
CA VAL B 318 -22.29 -30.73 -8.90
CA LYS B 319 -19.18 -29.62 -10.80
CA GLU B 320 -21.11 -29.10 -14.07
CA ARG B 321 -22.45 -25.92 -12.47
CA LEU B 322 -18.89 -24.52 -12.21
CA TYR B 323 -18.81 -23.96 -15.98
CA ASN B 324 -20.78 -21.16 -17.68
CA ASP B 325 -22.68 -21.02 -21.01
CA GLU B 326 -19.43 -20.36 -22.89
CA ASP B 327 -17.98 -23.61 -21.46
CA ILE B 328 -15.44 -21.74 -19.34
CA PHE B 329 -14.73 -22.37 -15.67
CA ASP B 330 -16.30 -19.68 -13.48
CA ASP B 331 -16.58 -21.57 -10.16
CA GLY B 332 -20.39 -21.45 -10.38
CA TRP B 333 -20.70 -17.68 -10.76
CA GLN B 334 -23.06 -17.73 -13.77
CA TRP B 335 -25.07 -20.84 -12.84
CA SER B 336 -25.89 -19.40 -9.42
CA ILE B 337 -26.85 -16.00 -10.83
CA GLN B 338 -29.15 -17.72 -13.36
CA THR B 339 -30.61 -20.07 -10.74
CA ILE B 340 -31.36 -17.07 -8.51
CA ASN B 341 -32.64 -14.74 -11.26
CA GLY B 342 -34.99 -17.53 -12.36
CA SER B 343 -36.45 -17.67 -8.84
CA SER B 344 -35.46 -16.01 -5.53
CA LEU B 345 -32.58 -15.77 -3.01
CA ALA B 346 -34.85 -17.19 -0.29
CA GLN B 347 -35.57 -20.20 -2.50
CA PHE B 348 -31.93 -20.78 -3.50
CA ARG B 349 -31.04 -20.91 0.20
CA GLN B 350 -33.67 -23.61 0.84
CA GLU B 351 -33.10 -25.50 -2.44
CA HIS B 352 -29.33 -25.34 -2.88
CA THR B 353 -27.50 -24.29 0.32
CA ALA B 354 -28.56 -26.58 3.21
CA ALA B 355 -28.81 -23.61 5.60
CA PHE B 356 -31.21 -23.73 8.56
CA GLU B 357 -34.00 -21.12 8.37
CA GLY B 358 -34.15 -18.91 11.47
CA THR B 359 -30.70 -18.97 13.06
CA SER B 360 -27.79 -17.80 10.90
CA GLY B 361 -15.46 -23.57 15.06
CA THR B 362 -13.25 -22.76 18.05
CA LEU B 363 -13.21 -25.14 21.03
CA ILE B 364 -13.26 -22.16 23.37
CA SER B 365 -16.12 -19.75 22.65
CA GLY B 366 -15.19 -16.26 21.47
CA MET B 367 -17.26 -14.94 24.40
CA LYS B 368 -14.37 -16.28 26.51
CA LEU B 369 -11.44 -15.69 24.12
CA ALA B 370 -12.22 -11.95 24.33
CA VAL B 371 -12.20 -11.66 28.12
CA MET B 372 -8.88 -13.53 28.26
CA ASP B 373 -6.01 -11.28 29.32
CA PHE B 374 -2.31 -12.11 29.25
CA ILE B 375 0.94 -11.50 31.12
CA GLU B 376 3.65 -10.18 28.80
CA VAL B 377 7.08 -11.53 29.79
CA THR B 378 10.64 -11.86 28.46
CA PRO B 379 11.57 -15.52 28.09
CA ASP B 380 14.97 -17.22 28.43
CA ASP B 381 17.60 -18.09 26.72
CA HIS B 382 15.62 -21.31 26.37
CA GLY B 383 11.91 -21.01 25.56
CA PHE B 384 10.73 -20.43 29.12
CA HIS B 385 8.16 -17.76 29.98
CA GLN B 386 7.86 -17.22 33.75
CA PHE B 387 4.53 -15.68 34.78
CA LYS B 388 4.60 -16.23 38.52
CA LYS B 389 7.71 -17.49 40.36
CA PRO B 390 7.70 -20.78 42.26
CA GLU B 391 6.87 -20.58 45.96
CA PRO B 392 7.23 -22.94 48.94
CA ASP B 393 4.28 -25.27 49.65
CA ARG B 394 2.67 -24.47 46.29
CA LYS B 395 1.75 -27.53 44.22
CA TYR B 396 2.61 -27.45 40.50
CA ILE B 397 1.73 -29.69 37.52
CA ALA B 398 3.55 -29.86 34.19
CA THR B 399 2.41 -31.16 30.82
CA LEU B 400 4.72 -31.60 27.85
CA ASP B 401 3.83 -31.90 24.19
CA CYS B 402 7.03 -32.74 22.33
CA SER B 403 7.10 -32.59 18.54
CA GLU B 404 8.75 -33.93 16.47
CA GLY B 405 8.97 -32.73 13.72
CA ARG B 406 10.67 -29.47 14.61
CA GLY B 407 9.14 -27.77 12.82
CA GLN B 408 6.30 -28.02 11.90
CA ASP B 409 5.93 -27.93 15.29
CA TYR B 410 7.13 -26.68 18.71
CA HIS B 411 7.90 -28.23 22.11
CA ALA B 412 5.23 -27.05 24.54
CA LEU B 413 5.62 -27.30 28.31
CA HIS B 414 2.98 -25.92 30.66
CA ILE B 415 3.47 -25.53 34.40
CA ILE B 416 0.18 -25.12 36.29
CA ASP B 417 -0.19 -23.93 39.91
CA VAL B 418 -2.62 -26.51 41.30
CA THR B 419 -2.56 -25.40 44.98
CA ASP B 420 -5.79 -23.34 45.07
CA ASP B 421 -9.04 -23.86 43.21
CA VAL B 422 -8.56 -22.10 40.64
CA TRP B 423 -5.51 -23.44 38.80
CA GLU B 424 -3.02 -20.98 37.32
CA GLN B 425 -0.61 -21.31 34.40
CA VAL B 426 2.65 -20.08 35.98
CA GLY B 427 5.22 -21.06 33.35
CA VAL B 428 5.50 -22.07 29.69
CA LEU B 429 8.36 -23.53 27.68
CA HIS B 430 7.84 -23.01 23.96
CA SER B 431 10.62 -23.80 21.51
CA ASN B 432 11.34 -25.15 18.05
CA THR B 433 15.10 -24.72 18.57
CA ILE B 434 16.05 -27.07 21.41
CA SER B 435 16.89 -30.63 20.32
CA HIS B 436 14.90 -33.46 21.90
CA LEU B 437 18.25 -34.83 23.13
CA ILE B 438 19.13 -31.80 25.27
CA LEU B 439 15.45 -31.14 26.15
CA PRO B 440 15.07 -33.47 29.19
CA ASP B 441 17.81 -31.62 31.14
CA ILE B 442 16.35 -28.23 30.21
CA VAL B 443 12.80 -29.20 31.19
CA MET B 444 14.10 -30.73 34.44
CA ARG B 445 15.51 -27.46 35.87
CA TYR B 446 12.07 -25.87 35.50
CA LEU B 447 10.36 -28.92 37.02
CA VAL B 448 12.89 -28.82 39.89
CA GLU B 449 12.58 -25.00 40.20
CA TYR B 450 8.83 -25.44 40.75
CA ASN B 451 9.04 -27.63 43.91
CA GLU B 452 9.85 -30.96 42.16
CA CYS B 453 7.04 -30.44 39.65
CA PRO B 454 5.53 -33.73 38.48
CA VAL B 455 5.21 -33.97 34.69
CA TYR B 456 2.74 -35.63 32.31
CA ILE B 457 4.38 -36.24 28.92
CA GLU B 458 2.55 -36.93 25.68
CA LEU B 459 3.82 -40.29 24.52
CA ASN B 460 4.51 -39.47 20.87
CA SER B 461 7.70 -40.60 19.11
CA THR B 462 9.68 -37.81 20.79
CA GLY B 463 7.79 -37.96 24.11
CA VAL B 464 8.45 -41.66 24.70
CA SER B 465 12.11 -40.75 24.24
CA VAL B 466 12.30 -37.71 26.57
CA ALA B 467 10.22 -39.41 29.29
CA LYS B 468 12.83 -42.17 29.27
CA SER B 469 15.65 -39.65 29.76
CA LEU B 470 13.73 -37.99 32.59
CA TYR B 471 12.70 -41.14 34.45
CA MET B 472 15.78 -43.33 33.80
CA ASP B 473 18.84 -41.28 32.81
CA LEU B 474 18.13 -38.27 35.04
CA GLU B 475 16.20 -40.22 37.74
CA TYR B 476 13.56 -37.48 38.21
CA GLU B 477 11.02 -39.32 40.34
CA GLY B 478 8.22 -36.96 39.32
CA VAL B 479 7.10 -38.14 35.89
CA ILE B 480 3.43 -39.12 35.60
CA CYS B 481 2.78 -42.45 33.85
CA ASP B 482 -0.33 -44.16 32.47
CA SER B 483 1.34 -47.51 33.13
CA TYR B 484 4.84 -48.89 33.64
CA THR B 485 5.23 -49.46 29.90
CA ASP B 486 3.80 -46.02 29.13
CA LEU B 487 5.76 -43.30 30.95
CA GLY B 488 3.29 -40.50 30.26
CA MET B 489 0.01 -39.94 28.44
CA LYS B 490 -0.78 -42.62 25.88
CA GLN B 491 -2.37 -41.09 22.78
CA THR B 492 -5.90 -42.27 21.98
CA LYS B 493 -8.88 -40.80 20.09
CA ARG B 494 -10.89 -40.67 23.34
CA THR B 495 -8.19 -39.14 25.60
CA LYS B 496 -7.91 -36.23 23.15
CA ALA B 497 -11.70 -35.87 22.90
CA VAL B 498 -12.34 -35.68 26.68
CA GLY B 499 -9.05 -33.79 27.12
CA CYS B 500 -10.46 -31.11 24.83
CA SER B 501 -13.88 -31.28 26.51
CA THR B 502 -12.33 -30.87 29.96
CA LEU B 503 -9.99 -28.13 28.74
CA LYS B 504 -12.98 -26.20 27.36
CA ASP B 505 -14.72 -26.47 30.75
CA LEU B 506 -11.62 -25.53 32.74
CA ILE B 507 -11.02 -22.37 30.72
CA GLU B 508 -14.64 -21.20 30.42
CA LYS B 509 -15.67 -21.86 34.04
CA ASP B 510 -12.42 -20.09 35.03
CA LYS B 511 -11.01 -23.14 36.82
CA LEU B 512 -7.85 -22.80 34.76
CA ILE B 513 -6.26 -19.42 34.16
CA ILE B 514 -4.05 -18.92 31.11
CA HIS B 515 -1.45 -16.11 31.22
CA HIS B 516 0.44 -16.83 27.99
CA ARG B 517 -0.56 -14.59 25.03
CA ALA B 518 0.60 -17.13 22.41
CA THR B 519 -1.37 -19.86 24.18
CA ILE B 520 -4.51 -17.74 24.11
CA GLN B 521 -3.68 -16.88 20.48
CA GLU B 522 -3.44 -20.57 19.55
CA PHE B 523 -6.88 -21.10 21.10
CA ARG B 524 -8.17 -18.45 18.69
CA THR B 525 -7.44 -20.77 15.75
CA PHE B 526 -7.95 -24.06 17.60
CA SER B 527 -11.26 -25.00 16.02
CA GLU B 528 -13.56 -27.60 14.44
CA LYS B 529 -11.67 -30.13 12.35
CA GLY B 530 -14.55 -32.59 12.46
CA VAL B 531 -14.75 -34.82 14.20
CA SER B 532 -12.03 -33.30 16.42
CA TRP B 533 -10.06 -30.07 16.78
CA ALA B 534 -6.99 -28.46 15.16
CA ALA B 535 -5.31 -26.66 13.23
CA GLU B 536 -5.77 -24.37 11.15
CA GLU B 537 -4.17 -24.01 8.66
CA GLY B 538 -0.90 -23.32 10.46
CA TYR B 539 -1.11 -21.70 12.97
CA HIS B 540 0.31 -24.21 15.43
CA ASP B 541 -1.62 -26.00 18.18
CA ASP B 542 1.33 -27.26 20.29
CA LEU B 543 0.46 -24.98 23.23
CA VAL B 544 -3.22 -25.99 23.15
CA MET B 545 -2.40 -29.68 22.69
CA SER B 546 -0.10 -29.64 25.71
CA LEU B 547 -2.98 -28.13 27.69
CA VAL B 548 -5.30 -30.84 26.38
CA ILE B 549 -2.86 -33.31 27.99
CA PHE B 550 -3.50 -31.44 31.24
CA GLY B 551 -7.26 -31.41 30.58
CA TRP B 552 -7.24 -35.20 30.32
CA LEU B 553 -4.96 -35.50 33.37
CA SER B 554 -7.45 -33.32 35.25
CA THR B 555 -10.09 -36.07 34.99
CA GLN B 556 -7.73 -38.69 36.44
CA SER B 557 -8.13 -39.74 40.07
CA LYS B 558 -4.37 -39.73 40.73
CA PHE B 559 -4.36 -36.04 39.77
CA ILE B 560 -6.45 -35.01 42.81
CA ASP B 561 -3.91 -33.92 43.73
CA TYR B 562 -0.16 -34.04 43.00
CA ASP C 10 -13.98 -7.76 -18.47
CA PHE C 11 -12.82 -6.84 -22.01
CA HIS C 12 -10.66 -8.93 -24.32
CA PRO C 13 -12.60 -12.23 -24.58
CA LEU C 14 -9.43 -14.30 -24.06
CA ASN C 15 -9.67 -13.32 -20.38
CA GLU C 16 -13.08 -15.00 -19.93
CA ALA C 17 -12.50 -16.51 -16.49
CA GLY C 18 -10.40 -14.95 -13.71
CA LYS C 19 -7.20 -16.04 -15.47
CA ILE C 20 -5.20 -13.48 -17.46
CA LEU C 21 -4.11 -15.06 -20.74
CA ILE C 22 -3.26 -11.67 -22.30
CA LYS C 23 -1.75 -8.59 -20.62
CA HIS C 24 -2.72 -5.05 -21.63
CA PRO C 25 -0.16 -3.01 -23.65
CA SER C 26 0.00 -0.29 -20.94
CA LEU C 27 1.29 -2.78 -18.34
CA ALA C 28 4.34 -3.55 -20.51
CA GLU C 29 7.91 -2.41 -19.83
CA ARG C 30 9.12 0.56 -21.88
CA LYS C 31 12.50 1.66 -23.32
CA ASP C 32 13.62 4.71 -25.34
CA GLU C 33 16.53 3.98 -27.67
CA ASP C 34 17.89 4.88 -31.15
CA GLY C 35 15.34 7.70 -31.53
CA ILE C 36 12.28 5.47 -31.05
CA HIS C 37 10.02 4.26 -28.23
CA TRP C 38 10.22 0.50 -27.62
CA ILE C 39 7.73 -1.73 -25.83
CA LYS C 40 8.53 -5.20 -24.48
CA SER C 41 6.37 -8.14 -25.56
CA GLN C 42 4.91 -10.62 -23.09
CA TRP C 43 5.14 -13.50 -25.59
CA ASP C 44 8.88 -13.58 -26.22
CA GLY C 45 10.27 -10.90 -23.90
CA LYS C 46 11.71 -8.97 -26.86
CA TRP C 47 11.70 -5.23 -27.56
CA TYR C 48 9.36 -3.95 -30.26
CA PRO C 49 9.08 -0.41 -31.67
CA GLU C 50 5.86 1.48 -30.89
CA LYS C 51 5.40 2.51 -34.53
CA PHE C 52 4.68 -0.22 -37.09
CA SER C 53 6.62 1.81 -39.67
CA ASP C 54 9.68 1.37 -37.42
CA TYR C 55 9.22 -2.39 -37.38
CA LEU C 56 9.23 -2.54 -41.20
CA ARG C 57 12.30 -0.29 -41.16
CA LEU C 58 14.02 -2.99 -39.05
CA HIS C 59 12.78 -5.72 -41.38
CA LYS C 60 13.67 -4.29 -44.79
CA ILE C 61 13.09 -6.34 -47.91
CA VAL C 62 16.32 -7.51 -49.58
CA LYS C 63 16.48 -8.12 -53.35
CA ILE C 64 18.45 -11.04 -54.77
CA PRO C 65 19.49 -9.41 -58.05
CA ASN C 66 19.15 -11.04 -61.49
CA ASN C 67 22.39 -12.79 -62.40
CA SER C 68 22.89 -14.85 -65.55
CA ASP C 69 25.53 -12.35 -66.75
CA LYS C 70 28.32 -12.73 -64.20
CA PRO C 71 29.43 -16.33 -63.47
CA GLU C 72 32.14 -15.06 -61.10
CA LEU C 73 29.42 -13.83 -58.69
CA PHE C 74 28.44 -17.34 -57.63
CA GLN C 75 26.24 -16.15 -54.71
CA THR C 76 23.49 -15.17 -57.16
CA TYR C 77 24.65 -16.72 -60.44
CA LYS C 78 22.30 -18.94 -62.41
CA ASP C 79 23.00 -20.10 -65.98
CA LYS C 80 19.40 -19.41 -67.01
CA ASN C 81 20.06 -18.47 -70.66
CA ASN C 82 22.27 -21.42 -71.64
CA LYS C 83 19.50 -23.92 -72.39
CA ARG C 84 21.81 -26.97 -72.48
CA SER C 85 22.57 -26.34 -68.81
CA ARG C 86 18.87 -26.03 -67.99
CA TYR C 87 16.83 -29.07 -66.92
CA MET C 88 13.97 -29.60 -69.42
CA GLY C 89 14.69 -26.06 -70.68
CA LEU C 90 13.36 -24.56 -67.44
CA PRO C 91 15.38 -21.39 -66.69
CA ASN C 92 15.36 -21.81 -62.90
CA LEU C 93 16.61 -25.41 -62.87
CA LYS C 94 19.95 -26.81 -63.93
CA ARG C 95 20.44 -30.11 -65.77
CA ALA C 96 21.83 -33.08 -63.83
CA ASN C 97 25.57 -33.93 -63.83
CA ILE C 98 26.92 -30.49 -64.74
CA LYS C 99 30.42 -30.13 -63.28
CA THR C 100 30.72 -26.90 -61.31
CA GLN C 101 33.89 -24.81 -61.66
CA TRP C 102 34.78 -24.78 -57.94
CA THR C 103 36.83 -21.86 -56.63
CA ARG C 104 38.28 -21.64 -53.10
CA GLU C 105 35.82 -18.84 -52.26
CA MET C 106 32.94 -21.05 -53.45
CA VAL C 107 33.84 -24.17 -51.43
CA GLU C 108 33.90 -22.12 -48.22
CA GLU C 109 30.48 -20.57 -48.87
CA TRP C 110 29.00 -23.96 -49.79
CA LYS C 111 30.36 -25.49 -46.57
CA LYS C 112 29.09 -22.44 -44.65
CA CYS C 113 25.55 -22.99 -45.96
CA ARG C 114 25.84 -26.71 -45.19
CA ASP C 115 26.80 -26.16 -41.54
CA ASP C 116 24.83 -22.96 -40.83
CA ILE C 117 21.21 -23.57 -41.88
CA VAL C 118 19.99 -20.18 -40.60
CA TYR C 119 22.61 -18.43 -42.75
CA PHE C 120 21.57 -20.53 -45.74
CA ALA C 121 17.92 -19.69 -45.08
CA GLU C 122 18.46 -15.96 -44.59
CA THR C 123 20.74 -15.56 -47.62
CA TYR C 124 19.70 -17.94 -50.37
CA CYS C 125 16.04 -18.85 -49.83
CA ALA C 126 13.85 -16.56 -51.94
CA ILE C 127 10.23 -16.19 -53.12
CA THR C 128 10.00 -14.06 -56.32
CA HIS C 129 7.88 -10.95 -55.75
CA ILE C 130 5.84 -9.21 -58.46
CA ASP C 131 7.03 -5.71 -57.47
CA TYR C 132 10.57 -6.37 -56.18
CA GLY C 133 11.57 -9.47 -58.15
CA VAL C 134 13.53 -12.20 -56.42
CA ILE C 135 13.78 -11.26 -52.74
CA LYS C 136 15.14 -12.95 -49.62
CA VAL C 137 12.59 -14.72 -47.47
CA GLN C 138 12.31 -12.57 -44.35
CA LEU C 139 12.42 -15.30 -41.69
CA ARG C 140 10.56 -15.19 -38.39
CA ASP C 141 11.89 -15.89 -34.90
CA TYR C 142 9.77 -19.05 -34.56
CA GLN C 143 11.03 -20.27 -37.95
CA ARG C 144 14.65 -19.59 -37.03
CA ASP C 145 14.24 -21.50 -33.73
CA MET C 146 12.59 -24.32 -35.66
CA LEU C 147 15.42 -24.47 -38.24
CA LYS C 148 18.05 -24.75 -35.49
CA ILE C 149 16.07 -27.45 -33.64
CA MET C 150 15.18 -29.45 -36.78
CA SER C 151 18.88 -29.27 -37.73
CA SER C 152 20.74 -29.94 -34.47
CA LYS C 153 18.37 -32.65 -33.22
CA ARG C 154 17.66 -36.04 -34.82
CA MET C 155 13.97 -36.11 -33.81
CA THR C 156 11.82 -33.00 -33.37
CA VAL C 157 8.09 -32.50 -32.81
CA CYS C 158 6.41 -29.11 -33.23
CA ASN C 159 3.06 -28.33 -31.66
CA LEU C 160 2.12 -25.28 -33.70
CA SER C 161 -1.04 -23.29 -34.36
CA ARG C 162 -2.66 -22.76 -37.76
CA GLN C 163 -2.14 -19.62 -39.87
CA LEU C 164 1.61 -19.59 -39.23
CA GLY C 165 3.46 -20.11 -42.50
CA LYS C 166 5.23 -23.20 -41.16
CA THR C 167 5.49 -24.71 -44.65
CA THR C 168 7.85 -21.81 -45.53
CA VAL C 169 10.31 -23.06 -42.89
CA VAL C 170 9.61 -26.78 -43.36
CA ALA C 171 10.34 -26.28 -47.08
CA ILE C 172 13.61 -24.43 -46.41
CA PHE C 173 14.83 -27.19 -44.10
CA LEU C 174 13.92 -29.97 -46.53
CA ALA C 175 15.64 -27.97 -49.28
CA HIS C 176 18.75 -27.55 -47.10
CA PHE C 177 18.79 -31.26 -46.27
CA VAL C 178 18.72 -32.53 -49.87
CA CYS C 179 21.08 -29.81 -51.18
CA PHE C 180 23.86 -30.44 -48.64
CA ASN C 181 23.64 -34.20 -48.14
CA LYS C 182 24.43 -36.86 -50.73
CA ASP C 183 22.21 -39.96 -51.23
CA LYS C 184 19.42 -38.97 -48.82
CA ALA C 185 15.88 -40.25 -49.26
CA VAL C 186 13.21 -37.95 -47.83
CA GLY C 187 9.57 -38.93 -47.34
CA ILE C 188 6.88 -36.35 -46.66
CA LEU C 189 3.87 -38.06 -45.07
CA ALA C 190 0.45 -36.42 -44.63
CA HIS C 191 -3.26 -37.33 -44.29
CA LYS C 192 -3.79 -36.77 -48.02
CA GLY C 193 -0.90 -37.10 -50.47
CA SER C 194 -2.00 -33.78 -52.00
CA MET C 195 -1.08 -32.08 -48.72
CA SER C 196 2.32 -33.81 -48.95
CA ALA C 197 2.55 -32.59 -52.56
CA GLU C 198 1.94 -29.01 -51.40
CA VAL C 199 4.81 -29.24 -48.93
CA LEU C 200 6.97 -30.68 -51.71
CA ASP C 201 5.91 -27.87 -54.06
CA ARG C 202 7.17 -25.31 -51.56
CA THR C 203 10.55 -27.04 -51.20
CA LYS C 204 10.80 -26.97 -54.99
CA GLN C 205 9.91 -23.25 -54.93
CA ALA C 206 12.90 -22.80 -52.61
CA ILE C 207 15.23 -25.04 -54.65
CA GLU C 208 14.42 -23.36 -57.99
CA LEU C 209 15.51 -19.96 -56.67
CA LEU C 210 18.90 -21.16 -55.42
CA PRO C 211 22.10 -20.08 -57.21
CA ASP C 212 23.80 -22.67 -59.45
CA PHE C 213 26.53 -23.45 -56.89
CA LEU C 214 24.03 -24.51 -54.20
CA GLN C 215 21.48 -26.09 -56.54
CA PRO C 216 22.27 -29.72 -57.29
CA GLY C 217 21.25 -30.94 -60.75
CA ILE C 218 17.67 -32.05 -61.31
CA VAL C 219 17.17 -35.74 -62.22
CA GLU C 220 13.44 -36.03 -61.50
CA TRP C 221 11.08 -33.11 -60.91
CA ASN C 222 7.35 -33.72 -60.63
CA LYS C 223 4.33 -33.29 -58.35
CA GLY C 224 4.88 -36.60 -56.51
CA SER C 225 8.66 -36.53 -56.09
CA ILE C 226 11.98 -34.91 -56.97
CA GLU C 227 15.47 -36.33 -57.41
CA LEU C 228 18.84 -34.59 -57.58
CA ASP C 229 22.21 -35.43 -59.15
CA ASN C 230 23.72 -36.00 -55.68
CA GLY C 231 21.41 -38.96 -55.02
CA SER C 232 19.03 -37.23 -52.64
CA SER C 233 15.27 -37.30 -53.11
CA ILE C 234 12.02 -36.01 -51.63
CA GLY C 235 8.82 -38.06 -51.89
CA ALA C 236 5.25 -36.90 -51.25
CA TYR C 237 3.13 -39.67 -49.69
CA ALA C 238 -0.28 -40.12 -48.15
CA SER C 239 0.54 -41.58 -44.72
CA SER C 240 0.48 -45.38 -44.71
CA PRO C 241 2.42 -48.31 -43.17
CA ASP C 242 3.21 -49.22 -46.82
CA ALA C 243 5.21 -46.02 -47.41
CA VAL C 244 7.53 -46.43 -44.39
CA ARG C 245 8.42 -50.15 -44.81
CA GLY C 246 8.73 -50.01 -48.62
CA ASN C 247 11.25 -47.15 -48.77
CA SER C 248 14.62 -46.62 -47.09
CA PHE C 249 14.05 -43.10 -45.76
CA ALA C 250 16.98 -41.05 -44.45
CA MET C 251 14.46 -38.46 -43.23
CA ILE C 252 10.74 -38.65 -42.50
CA TYR C 253 8.71 -35.46 -42.23
CA ILE C 254 5.19 -36.06 -40.93
CA ASP C 255 2.88 -33.21 -41.96
CA GLU C 256 -0.22 -32.35 -39.91
CA CYS C 257 0.32 -35.46 -37.77
CA ALA C 258 -2.51 -34.99 -35.26
CA PHE C 259 -5.09 -35.17 -38.08
CA ILE C 260 -3.97 -38.54 -39.50
CA PRO C 261 -6.62 -41.19 -38.68
CA ASN C 262 -5.49 -44.78 -37.90
CA PHE C 263 -1.94 -43.54 -37.31
CA HIS C 264 -1.04 -46.28 -34.79
CA ASP C 265 0.05 -48.77 -37.47
CA SER C 266 1.90 -46.08 -39.42
CA TRP C 267 3.56 -45.00 -36.16
CA LEU C 268 4.59 -48.59 -35.33
CA ALA C 269 6.04 -48.79 -38.86
CA ILE C 270 8.12 -45.67 -38.10
CA GLN C 271 9.57 -46.98 -34.80
CA PRO C 272 12.15 -49.37 -36.35
CA VAL C 273 13.29 -46.55 -38.67
CA ILE C 274 13.81 -44.53 -35.47
CA SER C 275 15.54 -47.16 -33.30
CA SER C 276 18.19 -47.44 -34.30
CA GLY C 277 20.27 -48.78 -37.20
CA ARG C 278 19.21 -46.24 -39.83
CA ARG C 279 18.35 -43.69 -37.12
CA SER C 280 16.68 -41.43 -39.67
CA LYS C 281 15.71 -37.88 -38.78
CA ILE C 282 12.04 -37.55 -37.81
CA ILE C 283 10.40 -34.13 -38.02
CA ILE C 284 6.79 -33.81 -36.92
CA THR C 285 4.77 -30.61 -37.25
CA THR C 286 1.06 -30.22 -36.51
CA THR C 287 -1.73 -28.33 -34.82
CA PRO C 288 -3.20 -30.36 -31.96
CA ASN C 289 -6.29 -32.55 -32.31
CA GLY C 290 -7.64 -33.35 -28.84
CA LEU C 291 -6.21 -36.17 -26.75
CA ASN C 292 -5.36 -38.47 -29.64
CA HIS C 293 -2.12 -40.29 -30.53
CA PHE C 294 -0.37 -36.92 -30.92
CA TYR C 295 -0.98 -35.91 -27.31
CA ASP C 296 0.95 -39.06 -26.36
CA ILE C 297 3.89 -38.13 -28.62
CA TRP C 298 4.01 -34.52 -27.37
CA THR C 299 3.63 -35.56 -23.71
CA ALA C 300 6.49 -38.05 -24.06
CA ALA C 301 8.60 -35.38 -25.75
CA VAL C 302 7.77 -32.62 -23.29
CA GLU C 303 8.22 -34.93 -20.25
CA GLY C 304 11.62 -35.94 -21.68
CA LYS C 305 10.72 -39.60 -22.16
CA SER C 306 11.06 -39.90 -25.94
CA GLY C 307 14.25 -38.63 -27.60
CA PHE C 308 12.04 -36.09 -29.40
CA GLU C 309 12.78 -32.37 -29.03
CA PRO C 310 9.52 -30.49 -28.42
CA TYR C 311 8.94 -27.05 -29.94
CA THR C 312 5.88 -24.79 -29.99
CA ALA C 313 4.71 -21.55 -31.61
CA ILE C 314 1.32 -19.84 -31.79
CA TRP C 315 -0.51 -16.78 -33.21
CA ASN C 316 1.76 -14.24 -31.50
CA SER C 317 4.78 -15.55 -33.47
CA VAL C 318 3.44 -13.55 -36.41
CA LYS C 319 4.66 -10.17 -35.17
CA GLU C 320 2.46 -8.24 -37.63
CA ARG C 321 -0.44 -9.10 -35.32
CA LEU C 322 1.22 -7.17 -32.47
CA TYR C 323 0.37 -3.87 -34.17
CA ASN C 324 -3.19 -2.48 -34.30
CA ASP C 325 -5.13 -0.61 -37.03
CA GLU C 326 -3.49 2.68 -36.00
CA ASP C 327 -0.04 1.11 -36.62
CA ILE C 328 0.82 1.21 -32.90
CA PHE C 329 2.28 -1.66 -30.90
CA ASP C 330 -0.37 -3.29 -28.70
CA ASP C 331 1.18 -6.77 -28.22
CA GLY C 332 -1.68 -8.34 -30.19
CA TRP C 333 -4.51 -6.91 -28.09
CA GLN C 334 -6.60 -5.60 -31.00
CA TRP C 335 -5.83 -8.34 -33.52
CA SER C 336 -6.90 -11.04 -31.08
CA ILE C 337 -10.10 -9.22 -30.12
CA GLN C 338 -10.96 -8.80 -33.83
CA THR C 339 -10.05 -12.42 -34.64
CA ILE C 340 -12.31 -13.59 -31.80
CA ASN C 341 -15.20 -11.17 -32.46
CA GLY C 342 -15.16 -12.31 -36.10
CA SER C 343 -15.62 -15.93 -34.95
CA SER C 344 -15.56 -17.61 -31.50
CA LEU C 345 -13.29 -18.22 -28.47
CA ALA C 346 -13.58 -21.97 -29.03
CA GLN C 347 -12.38 -21.53 -32.60
CA PHE C 348 -9.50 -19.18 -31.71
CA ARG C 349 -8.25 -21.82 -29.27
CA GLN C 350 -8.22 -24.48 -32.01
CA GLU C 351 -7.00 -22.18 -34.80
CA HIS C 352 -4.45 -19.98 -33.04
CA THR C 353 -3.38 -21.37 -29.63
CA ALA C 354 -2.18 -25.00 -30.04
CA ALA C 355 -4.05 -26.08 -26.87
CA PHE C 356 -5.28 -29.66 -26.51
CA GLU C 357 -9.08 -29.95 -26.31
CA GLY C 358 -10.26 -31.82 -23.20
CA THR C 359 -7.49 -31.50 -20.61
CA SER C 360 -6.48 -27.97 -19.59
CA GLY C 361 6.91 -27.47 -14.81
CA THR C 362 8.38 -28.59 -11.49
CA LEU C 363 10.44 -31.80 -11.35
CA ILE C 364 8.73 -32.72 -8.11
CA SER C 365 4.92 -32.69 -8.37
CA GLY C 366 3.07 -30.12 -6.28
CA MET C 367 1.09 -33.05 -4.81
CA LYS C 368 4.38 -33.85 -3.05
CA LEU C 369 5.77 -30.32 -2.53
CA ALA C 370 2.70 -29.61 -0.36
CA VAL C 371 3.05 -32.60 1.98
CA MET C 372 6.74 -31.76 2.51
CA ASP C 373 7.43 -30.52 6.03
CA PHE C 374 10.66 -28.99 7.31
CA ILE C 375 12.86 -28.77 10.40
CA GLU C 376 13.60 -25.17 11.33
CA VAL C 377 17.13 -24.79 12.73
CA THR C 378 19.73 -22.15 13.56
CA PRO C 379 22.84 -22.62 11.43
CA ASP C 380 26.48 -21.87 12.23
CA ASP C 381 28.73 -19.52 12.02
CA HIS C 382 29.44 -21.24 8.71
CA GLY C 383 26.44 -22.23 6.58
CA PHE C 384 25.69 -25.50 8.37
CA HIS C 385 22.15 -26.52 9.30
CA GLN C 386 22.09 -29.56 11.62
CA PHE C 387 18.80 -31.46 11.53
CA LYS C 388 19.76 -34.66 13.30
CA LYS C 389 23.10 -35.11 15.08
CA PRO C 390 25.60 -37.76 13.97
CA GLU C 391 25.39 -41.11 15.77
CA PRO C 392 27.67 -44.16 16.07
CA ASP C 393 27.22 -46.91 13.45
CA ARG C 394 25.03 -44.66 11.29
CA LYS C 395 26.15 -44.44 7.64
CA TYR C 396 26.19 -40.98 6.05
CA ILE C 397 26.64 -39.70 2.47
CA ALA C 398 27.60 -36.19 1.40
CA THR C 399 27.19 -34.40 -1.92
CA LEU C 400 28.73 -31.03 -2.71
CA ASP C 401 27.78 -28.58 -5.41
CA CYS C 402 30.39 -25.83 -5.40
CA SER C 403 29.81 -22.65 -7.38
CA GLU C 404 31.61 -20.63 -8.59
CA GLY C 405 30.57 -17.90 -9.25
CA ARG C 406 29.72 -16.72 -5.75
CA GLY C 407 27.21 -15.42 -6.41
CA GLN C 408 25.20 -16.09 -8.52
CA ASP C 409 25.35 -19.00 -6.74
CA TYR C 410 25.86 -20.81 -3.40
CA HIS C 411 27.94 -23.74 -2.12
CA ALA C 412 25.56 -26.58 -1.33
CA LEU C 413 26.54 -29.55 0.82
CA HIS C 414 24.03 -32.26 1.71
CA ILE C 415 24.65 -34.94 4.32
CA ILE C 416 22.27 -37.90 3.98
CA ASP C 417 21.71 -40.62 6.60
CA VAL C 418 21.88 -43.78 4.47
CA THR C 419 21.69 -46.38 7.30
CA ASP C 420 17.98 -47.28 7.07
CA ASP C 421 15.72 -47.48 4.05
CA VAL C 422 14.52 -44.57 4.00
CA TRP C 423 17.36 -42.08 3.63
CA GLU C 424 17.29 -38.87 5.66
CA GLN C 425 18.84 -35.45 5.04
CA VAL C 426 20.59 -34.79 8.37
CA GLY C 427 22.74 -31.76 7.54
CA VAL C 428 23.11 -28.99 4.96
CA LEU C 429 25.88 -26.49 4.33
CA HIS C 430 24.63 -23.53 2.32
CA SER C 431 26.82 -20.48 1.82
CA ASN C 432 27.77 -17.77 -0.65
CA THR C 433 30.27 -16.26 1.82
CA ILE C 434 32.95 -18.92 2.35
CA SER C 435 35.81 -18.82 -0.17
CA HIS C 436 36.51 -22.00 -2.14
CA LEU C 437 40.03 -21.88 -0.65
CA ILE C 438 38.91 -22.19 2.98
CA LEU C 439 35.94 -24.42 2.05
CA PRO C 440 37.67 -27.86 2.04
CA ASP C 441 38.67 -27.55 5.73
CA ILE C 442 35.19 -26.33 6.69
CA VAL C 443 33.43 -29.14 4.81
CA MET C 444 35.86 -31.69 6.29
CA ARG C 445 34.87 -31.10 9.95
CA TYR C 446 31.24 -31.90 9.05
CA LEU C 447 32.29 -34.96 7.04
CA VAL C 448 34.46 -36.06 10.00
CA GLU C 449 31.70 -35.19 12.51
CA TYR C 450 29.36 -37.56 10.66
CA ASN C 451 31.43 -40.76 11.09
CA GLU C 452 34.03 -40.07 8.33
CA CYS C 453 31.29 -39.17 5.85
CA PRO C 454 32.26 -40.03 2.27
CA VAL C 455 31.65 -37.18 -0.17
CA TYR C 456 30.67 -36.95 -3.86
CA ILE C 457 31.78 -33.62 -5.32
CA GLU C 458 30.46 -32.08 -8.51
CA LEU C 459 33.49 -31.65 -10.74
CA ASN C 460 32.92 -28.08 -11.89
CA SER C 461 35.75 -25.52 -12.02
CA THR C 462 35.52 -25.02 -8.25
CA GLY C 463 34.72 -28.67 -7.43
CA VAL C 464 37.79 -30.07 -9.19
CA SER C 465 39.76 -27.66 -7.01
CA VAL C 466 38.17 -28.46 -3.62
CA ALA C 467 38.19 -32.22 -4.25
CA LYS C 468 41.94 -31.89 -4.75
CA SER C 469 42.35 -30.12 -1.41
CA LEU C 470 40.24 -32.79 0.30
CA TYR C 471 41.89 -35.84 -1.24
CA MET C 472 45.50 -34.59 -1.49
CA ASP C 473 46.19 -31.65 0.85
CA LEU C 474 43.96 -32.79 3.72
CA GLU C 475 44.27 -36.55 2.98
CA TYR C 476 40.57 -37.28 3.71
CA GLU C 477 40.28 -40.83 2.42
CA GLY C 478 36.50 -40.53 1.98
CA VAL C 479 36.01 -38.66 -1.29
CA ILE C 480 33.99 -40.49 -3.95
CA CYS C 481 35.52 -40.49 -7.44
CA ASP C 482 34.24 -41.39 -10.91
CA SER C 483 37.80 -42.26 -11.89
CA TYR C 484 41.34 -41.49 -10.74
CA THR C 485 41.49 -38.44 -13.03
CA ASP C 486 38.01 -37.35 -11.91
CA LEU C 487 37.85 -36.99 -8.12
CA GLY C 488 34.07 -36.66 -7.91
CA MET C 489 31.05 -36.54 -10.22
CA LYS C 490 31.94 -35.71 -13.82
CA GLN C 491 29.32 -33.43 -15.36
CA THR C 492 27.45 -34.84 -18.37
CA LYS C 493 24.04 -34.21 -19.97
CA ARG C 494 22.96 -37.77 -19.07
CA THR C 495 24.20 -37.82 -15.44
CA LYS C 496 22.08 -34.73 -14.76
CA ALA C 497 19.06 -36.19 -16.58
CA VAL C 498 19.00 -39.51 -14.65
CA GLY C 499 20.17 -37.69 -11.51
CA CYS C 500 17.00 -35.58 -11.74
CA SER C 501 14.89 -38.63 -12.64
CA THR C 502 16.21 -40.58 -9.65
CA LEU C 503 15.88 -37.55 -7.36
CA LYS C 504 12.22 -37.20 -8.37
CA ASP C 505 11.63 -40.88 -7.53
CA LEU C 506 13.51 -40.72 -4.23
CA ILE C 507 11.52 -37.73 -2.99
CA GLU C 508 8.07 -38.82 -4.21
CA LYS C 509 8.28 -42.46 -3.14
CA ASP C 510 9.58 -41.14 0.22
CA LYS C 511 12.91 -42.97 -0.07
CA LEU C 512 14.68 -39.67 0.59
CA ILE C 513 13.45 -37.31 3.28
CA ILE C 514 14.28 -33.60 3.01
CA HIS C 515 14.27 -31.53 6.23
CA HIS C 516 15.67 -28.24 4.90
CA ARG C 517 13.01 -25.54 4.20
CA ALA C 518 15.19 -23.71 1.65
CA THR C 519 15.88 -27.00 -0.14
CA ILE C 520 12.16 -27.73 -0.38
CA GLN C 521 11.65 -24.09 -1.43
CA GLU C 522 14.20 -24.44 -4.25
CA PHE C 523 12.29 -27.51 -5.46
CA ARG C 524 9.23 -25.26 -5.73
CA THR C 525 10.91 -23.30 -8.54
CA PHE C 526 13.02 -26.15 -9.91
CA SER C 527 11.05 -26.74 -13.09
CA GLU C 528 10.93 -27.41 -16.84
CA LYS C 529 13.71 -25.66 -18.72
CA GLY C 530 13.31 -27.93 -21.73
CA VAL C 531 14.92 -30.18 -22.31
CA SER C 532 16.17 -30.20 -18.70
CA TRP C 533 15.46 -28.49 -15.38
CA ALA C 534 16.36 -25.18 -13.69
CA ALA C 535 16.08 -22.21 -12.74
CA GLU C 536 13.90 -19.97 -12.64
CA GLU C 537 14.46 -17.06 -12.99
CA GLY C 538 16.61 -16.75 -9.88
CA TYR C 539 15.72 -18.36 -7.52
CA HIS C 540 18.79 -20.53 -7.06
CA ASP C 541 19.00 -24.28 -7.67
CA ASP C 542 22.28 -25.03 -5.82
CA LEU C 543 20.53 -27.07 -3.12
CA VAL C 544 18.54 -29.08 -5.68
CA MET C 545 21.56 -29.56 -7.95
CA SER C 546 23.62 -30.92 -5.06
CA LEU C 547 20.80 -33.40 -4.41
CA VAL C 548 20.78 -34.31 -8.10
CA ILE C 549 24.43 -35.31 -7.58
CA PHE C 550 23.16 -37.64 -4.85
CA GLY C 551 20.34 -38.87 -7.10
CA TRP C 552 22.88 -39.90 -9.73
CA LEU C 553 25.16 -41.42 -7.05
CA SER C 554 22.15 -43.40 -5.83
CA THR C 555 22.07 -45.36 -9.11
CA GLN C 556 25.75 -46.29 -8.82
CA SER C 557 26.69 -49.80 -7.69
CA LYS C 558 29.49 -48.55 -5.40
CA PHE C 559 26.86 -46.54 -3.52
CA ILE C 560 25.09 -49.66 -2.19
CA ASP C 561 26.32 -48.85 0.32
CA TYR C 562 29.00 -46.52 1.73
CA ASP D 10 -7.46 5.86 -22.51
CA PHE D 11 -7.75 9.60 -23.31
CA HIS D 12 -5.10 11.80 -24.89
CA PRO D 13 -4.29 10.00 -28.18
CA LEU D 14 -0.53 10.39 -27.65
CA ASN D 15 -0.85 7.60 -25.06
CA GLU D 16 -2.11 5.06 -27.63
CA ALA D 17 -0.18 2.02 -26.39
CA GLY D 18 0.66 1.27 -22.75
CA LYS D 19 3.47 3.85 -22.84
CA ILE D 20 2.90 7.28 -21.26
CA LEU D 21 4.29 9.93 -23.60
CA ILE D 22 2.39 12.74 -21.82
CA LYS D 23 1.63 13.12 -18.09
CA HIS D 24 -1.61 14.66 -16.82
CA PRO D 25 -1.43 18.21 -15.32
CA SER D 26 -2.77 16.97 -11.94
CA LEU D 27 0.22 14.64 -11.46
CA ALA D 28 2.64 17.58 -11.65
CA GLU D 29 4.54 19.10 -8.73
CA ARG D 30 3.12 22.34 -7.30
CA LYS D 31 4.61 25.48 -5.69
CA ASP D 32 3.06 28.67 -4.26
CA GLU D 33 5.34 31.71 -4.58
CA ASP D 34 5.22 35.49 -5.26
CA GLY D 35 1.41 35.53 -4.91
CA ILE D 36 0.78 32.94 -7.64
CA HIS D 37 0.36 29.18 -7.99
CA TRP D 38 3.14 27.52 -10.01
CA ILE D 39 3.10 24.13 -11.73
CA LYS D 40 6.23 22.25 -12.85
CA SER D 41 6.49 21.14 -16.47
CA GLN D 42 7.47 17.60 -17.46
CA TRP D 43 9.23 18.78 -20.63
CA ASP D 44 11.91 21.04 -19.15
CA GLY D 45 11.42 20.70 -15.39
CA LYS D 46 10.73 24.43 -15.05
CA TRP D 47 8.09 26.25 -13.00
CA TYR D 48 5.16 27.77 -14.86
CA PRO D 49 2.36 29.97 -13.47
CA GLU D 50 -1.13 28.45 -13.42
CA LYS D 51 -2.68 31.55 -15.01
CA PHE D 52 -1.71 32.38 -18.60
CA SER D 53 -2.06 36.08 -17.73
CA ASP D 54 0.77 35.55 -15.22
CA TYR D 55 3.00 34.04 -17.90
CA LEU D 56 2.57 37.11 -20.14
CA ARG D 57 3.27 39.28 -17.09
CA LEU D 58 6.63 37.47 -16.80
CA HIS D 59 7.25 37.86 -20.53
CA LYS D 60 6.45 41.55 -21.05
CA ILE D 61 6.97 43.14 -24.45
CA VAL D 62 9.87 45.64 -24.52
CA LYS D 63 9.87 48.58 -26.96
CA ILE D 64 13.06 49.69 -28.68
CA PRO D 65 12.24 53.41 -28.92
CA ASN D 66 12.61 55.51 -32.09
CA ASN D 67 16.01 57.19 -32.13
CA SER D 68 17.32 59.30 -34.99
CA ASP D 69 17.37 62.37 -32.69
CA LYS D 70 20.00 61.48 -30.10
CA PRO D 71 23.34 60.21 -31.48
CA GLU D 72 24.77 59.97 -27.95
CA LEU D 73 22.32 57.15 -27.17
CA PHE D 74 24.13 54.63 -29.38
CA GLN D 75 22.16 51.62 -28.06
CA THR D 76 19.15 52.64 -30.19
CA TYR D 77 20.58 55.35 -32.46
CA LYS D 78 20.11 55.10 -36.21
CA ASP D 79 20.90 57.95 -38.62
CA LYS D 80 17.68 57.33 -40.55
CA ASN D 81 17.01 60.93 -41.66
CA ASN D 82 20.46 61.79 -43.03
CA LYS D 83 20.05 60.25 -46.49
CA ARG D 84 23.77 60.39 -47.38
CA SER D 85 24.40 57.97 -44.51
CA ARG D 86 21.64 55.66 -45.72
CA TYR D 87 22.37 52.81 -48.14
CA MET D 88 20.31 53.32 -51.33
CA GLY D 89 18.26 55.87 -49.36
CA LEU D 90 16.75 53.09 -47.23
CA PRO D 91 16.16 54.51 -43.71
CA ASN D 92 16.97 51.25 -41.86
CA LEU D 93 20.31 50.62 -43.57
CA LYS D 94 23.52 52.60 -43.40
CA ARG D 95 25.85 53.22 -46.36
CA ALA D 96 29.14 51.32 -46.52
CA ASN D 97 32.41 52.79 -45.19
CA ILE D 98 30.93 55.32 -42.75
CA LYS D 99 33.42 55.91 -39.94
CA THR D 100 31.73 55.52 -36.56
CA GLN D 101 32.56 58.01 -33.78
CA TRP D 102 33.71 55.40 -31.23
CA THR D 103 33.40 56.28 -27.54
CA ARG D 104 34.80 54.16 -24.69
CA GLU D 105 31.24 53.25 -23.63
CA MET D 106 30.49 52.11 -27.19
CA VAL D 107 33.53 49.85 -27.64
CA GLU D 108 32.65 47.95 -24.47
CA GLU D 109 29.03 47.38 -25.54
CA TRP D 110 30.13 46.30 -29.03
CA LYS D 111 32.60 43.79 -27.54
CA LYS D 112 29.90 42.66 -25.10
CA CYS D 113 27.52 41.88 -27.98
CA ARG D 114 30.36 40.14 -29.85
CA ASP D 115 31.20 37.80 -26.96
CA ASP D 116 27.71 37.35 -25.45
CA ILE D 117 25.35 36.29 -28.27
CA VAL D 118 22.36 35.82 -25.94
CA TYR D 119 22.75 39.39 -24.67
CA PHE D 120 23.02 40.64 -28.25
CA ALA D 121 19.90 38.64 -29.17
CA GLU D 122 17.83 39.75 -26.18
CA THR D 123 18.79 43.43 -26.48
CA TYR D 124 19.25 44.39 -30.11
CA CYS D 125 17.31 41.92 -32.24
CA ALA D 126 13.87 43.37 -33.03
CA ILE D 127 10.84 42.74 -35.28
CA THR D 128 8.78 45.95 -35.79
CA HIS D 129 5.23 45.52 -34.50
CA ILE D 130 2.19 47.35 -35.91
CA ASP D 131 0.82 48.28 -32.46
CA TYR D 132 4.00 48.68 -30.38
CA GLY D 133 6.55 49.72 -33.02
CA VAL D 134 10.06 48.33 -32.85
CA ILE D 135 10.13 45.76 -30.04
CA LYS D 136 12.69 43.29 -28.71
CA VAL D 137 12.35 39.74 -29.95
CA GLN D 138 11.13 37.78 -26.93
CA LEU D 139 13.43 34.75 -27.17
CA ARG D 140 12.48 31.22 -26.18
CA ASP D 141 14.41 28.77 -24.01
CA TYR D 142 15.06 26.44 -26.96
CA GLN D 143 16.32 29.38 -29.03
CA ARG D 144 18.61 30.57 -26.24
CA ASP D 145 20.07 27.05 -25.85
CA MET D 146 20.51 26.91 -29.62
CA LEU D 147 22.30 30.30 -29.74
CA LYS D 148 24.77 29.20 -27.05
CA ILE D 149 25.43 25.86 -28.78
CA MET D 150 25.70 27.32 -32.30
CA SER D 151 28.12 29.91 -30.86
CA SER D 152 30.37 27.91 -28.52
CA LYS D 153 30.67 24.86 -30.79
CA ARG D 154 32.23 24.69 -34.28
CA MET D 155 29.75 22.11 -35.61
CA THR D 156 26.16 21.77 -34.42
CA VAL D 157 23.21 19.71 -35.66
CA CYS D 158 19.64 20.39 -34.51
CA ASN D 159 16.91 17.78 -34.82
CA LEU D 160 13.88 20.03 -34.44
CA SER D 161 10.16 19.74 -35.09
CA ARG D 162 8.14 21.92 -37.47
CA GLN D 163 6.10 24.94 -36.33
CA LEU D 164 8.88 26.21 -34.06
CA GLY D 165 10.10 29.57 -35.30
CA LYS D 166 13.66 28.28 -35.69
CA THR D 167 14.37 30.75 -38.50
CA THR D 168 13.99 33.54 -35.91
CA VAL D 169 17.00 32.15 -34.01
CA VAL D 170 18.94 30.96 -37.06
CA ALA D 171 18.60 34.49 -38.45
CA ILE D 172 19.81 36.11 -35.21
CA PHE D 173 22.88 33.89 -35.10
CA LEU D 174 23.76 34.49 -38.75
CA ALA D 175 23.26 38.22 -38.12
CA HIS D 176 25.53 38.06 -35.05
CA PHE D 177 28.19 36.16 -37.00
CA VAL D 178 28.49 38.64 -39.88
CA CYS D 179 28.17 41.73 -37.65
CA PHE D 180 30.97 40.77 -35.23
CA ASN D 181 33.42 39.00 -37.52
CA LYS D 182 35.43 40.60 -40.33
CA ASP D 183 35.85 38.92 -43.76
CA LYS D 184 33.51 35.97 -43.17
CA ALA D 185 31.74 34.22 -46.04
CA VAL D 186 28.47 32.55 -45.08
CA GLY D 187 26.57 30.11 -47.28
CA ILE D 188 22.98 29.16 -46.56
CA LEU D 189 22.18 25.87 -48.31
CA ALA D 190 18.67 24.43 -48.72
CA HIS D 191 16.65 22.11 -51.00
CA LYS D 192 15.36 25.08 -52.98
CA GLY D 193 17.33 28.34 -53.13
CA SER D 194 14.06 30.16 -52.36
CA MET D 195 14.04 28.50 -48.93
CA SER D 196 17.64 29.72 -48.48
CA ALA D 197 16.47 33.17 -49.60
CA GLU D 198 13.77 33.13 -46.91
CA VAL D 199 16.35 32.40 -44.22
CA LEU D 200 18.49 35.21 -45.64
CA ASP D 201 15.49 37.56 -45.65
CA ARG D 202 15.02 36.97 -41.92
CA THR D 203 18.68 37.70 -41.16
CA LYS D 204 18.28 40.93 -43.11
CA GLN D 205 15.13 41.70 -41.09
CA ALA D 206 17.31 41.37 -37.98
CA ILE D 207 20.23 43.39 -39.41
CA GLU D 208 18.03 46.29 -40.60
CA LEU D 209 16.70 46.88 -37.08
CA LEU D 210 20.14 47.05 -35.45
CA PRO D 211 21.47 50.38 -34.13
CA ASP D 212 24.13 52.15 -36.23
CA PHE D 213 27.00 51.09 -33.93
CA LEU D 214 26.29 47.36 -34.39
CA GLN D 215 25.19 47.54 -38.01
CA PRO D 216 28.10 47.30 -40.41
CA GLY D 217 27.70 49.24 -43.67
CA ILE D 218 25.79 47.63 -46.52
CA VAL D 219 27.79 46.91 -49.70
CA GLU D 220 25.40 44.45 -51.38
CA TRP D 221 21.81 43.84 -50.31
CA ASN D 222 19.56 41.64 -52.44
CA LYS D 223 17.41 38.49 -52.40
CA GLY D 224 20.31 36.15 -53.26
CA SER D 225 23.05 37.63 -51.08
CA ILE D 226 24.23 40.45 -48.83
CA GLU D 227 27.65 41.98 -48.26
CA LEU D 228 28.88 44.29 -45.50
CA ASP D 229 31.66 46.88 -45.24
CA ASN D 230 33.62 44.59 -42.90
CA GLY D 231 34.06 41.96 -45.64
CA SER D 232 31.50 39.47 -44.36
CA SER D 233 28.77 38.06 -46.58
CA ILE D 234 25.76 35.75 -46.54
CA GLY D 235 24.79 33.76 -49.64
CA ALA D 236 21.52 31.94 -50.32
CA TYR D 237 22.09 28.74 -52.34
CA ALA D 238 20.15 25.72 -53.48
CA SER D 239 22.21 22.82 -52.11
CA SER D 240 24.74 21.52 -54.62
CA PRO D 241 28.34 20.19 -54.71
CA ASP D 242 29.01 23.24 -56.95
CA ALA D 243 28.21 25.74 -54.17
CA VAL D 244 30.60 24.24 -51.58
CA ARG D 245 33.68 23.76 -53.79
CA GLY D 246 33.28 27.06 -55.70
CA ASN D 247 33.15 29.33 -52.64
CA SER D 248 35.46 29.72 -49.64
CA PHE D 249 32.84 29.55 -46.86
CA ALA D 250 33.77 30.55 -43.31
CA MET D 251 30.37 29.23 -42.20
CA ILE D 252 27.91 26.81 -43.79
CA TYR D 253 24.33 26.70 -42.58
CA ILE D 254 22.36 23.78 -44.01
CA ASP D 255 18.62 24.47 -43.89
CA GLU D 256 16.09 21.62 -43.73
CA CYS D 257 18.89 19.10 -44.29
CA ALA D 258 16.88 15.87 -44.02
CA PHE D 259 14.75 16.90 -47.01
CA ILE D 260 17.63 17.45 -49.46
CA PRO D 261 17.63 14.65 -52.08
CA ASN D 262 20.98 13.34 -53.41
CA PHE D 263 22.80 14.95 -50.48
CA HIS D 264 25.65 12.41 -50.41
CA ASP D 265 27.75 14.27 -53.00
CA SER D 266 26.99 17.64 -51.40
CA TRP D 267 27.91 16.12 -48.01
CA LEU D 268 31.21 14.73 -49.39
CA ALA D 269 31.89 18.23 -50.76
CA ILE D 270 31.39 19.63 -47.25
CA GLN D 271 33.79 17.20 -45.51
CA PRO D 272 37.05 18.88 -46.66
CA VAL D 273 35.64 22.25 -45.54
CA ILE D 274 35.10 20.57 -42.15
CA SER D 275 38.44 18.74 -41.79
CA SER D 276 40.39 20.71 -41.18
CA GLY D 277 42.39 23.61 -42.65
CA ARG D 278 39.55 26.11 -43.00
CA ARG D 279 37.59 24.34 -40.24
CA SER D 280 34.49 26.38 -41.03
CA LYS D 281 31.50 26.38 -38.69
CA ILE D 282 28.76 23.97 -39.78
CA ILE D 283 25.24 24.51 -38.47
CA ILE D 284 22.58 22.02 -39.49
CA THR D 285 18.89 22.40 -38.58
CA THR D 286 16.06 20.17 -39.78
CA THR D 287 13.00 18.11 -39.00
CA PRO D 288 13.72 14.39 -39.47
CA ASN D 289 12.92 12.48 -42.66
CA GLY D 290 12.98 8.75 -41.92
CA LEU D 291 16.21 6.79 -41.87
CA ASN D 292 17.98 8.78 -44.58
CA HIS D 293 21.42 10.43 -44.64
CA PHE D 294 20.35 12.70 -41.76
CA TYR D 295 19.72 9.80 -39.37
CA ASP D 296 23.40 8.89 -39.93
CA ILE D 297 24.56 12.43 -39.11
CA TRP D 298 22.39 12.68 -35.99
CA THR D 299 23.34 9.17 -34.81
CA ALA D 300 27.04 9.96 -35.19
CA ALA D 301 26.52 13.24 -33.32
CA VAL D 302 24.40 11.76 -30.54
CA GLU D 303 26.72 8.73 -30.13
CA GLY D 304 29.66 11.16 -29.88
CA LYS D 305 31.41 9.90 -33.01
CA SER D 306 31.33 13.05 -35.15
CA GLY D 307 32.54 16.33 -33.64
CA PHE D 308 28.97 17.61 -34.10
CA GLU D 309 27.03 18.89 -31.08
CA PRO D 310 23.49 17.48 -31.14
CA TYR D 311 20.54 19.60 -30.04
CA THR D 312 16.79 18.94 -30.13
CA ALA D 313 13.52 20.80 -29.49
CA ILE D 314 9.89 19.91 -30.19
CA TRP D 315 6.29 21.23 -29.91
CA ASN D 316 6.46 21.75 -26.13
CA SER D 317 9.24 24.35 -26.57
CA VAL D 318 6.51 26.78 -27.59
CA LYS D 319 5.27 27.49 -24.06
CA GLU D 320 2.03 29.09 -25.29
CA ARG D 321 0.85 25.56 -26.02
CA LEU D 322 1.14 24.66 -22.32
CA TYR D 323 -1.95 26.74 -21.54
CA ASN D 324 -5.47 25.64 -22.49
CA ASP D 325 -8.53 27.56 -23.78
CA GLU D 326 -9.42 28.60 -20.22
CA ASP D 327 -5.96 30.21 -19.84
CA ILE D 328 -4.87 27.62 -17.27
CA PHE D 329 -1.60 25.72 -17.28
CA ASP D 330 -2.10 22.12 -18.45
CA ASP D 331 1.44 21.30 -19.68
CA GLY D 332 0.16 21.04 -23.26
CA TRP D 333 -2.55 18.46 -22.57
CA GLN D 334 -5.36 20.28 -24.41
CA TRP D 335 -3.30 21.80 -27.23
CA SER D 336 -1.90 18.39 -28.17
CA ILE D 337 -5.32 16.72 -28.05
CA GLN D 338 -6.74 19.46 -30.30
CA THR D 339 -3.75 19.35 -32.67
CA ILE D 340 -4.19 15.57 -32.97
CA ASN D 341 -8.01 15.55 -33.22
CA GLY D 342 -7.72 18.15 -35.99
CA SER D 343 -5.44 15.80 -37.95
CA SER D 344 -3.77 12.45 -37.09
CA LEU D 345 -1.30 10.86 -34.64
CA ALA D 346 0.95 9.90 -37.55
CA GLN D 347 1.02 13.54 -38.67
CA PHE D 348 1.64 14.96 -35.18
CA ARG D 349 4.68 12.68 -34.91
CA GLN D 350 6.11 14.03 -38.18
CA GLU D 351 5.04 17.66 -37.62
CA HIS D 352 5.64 18.16 -33.89
CA THR D 353 7.83 15.43 -32.35
CA ALA D 354 11.09 15.10 -34.36
CA ALA D 355 10.93 11.29 -34.23
CA PHE D 356 12.52 9.21 -37.01
CA GLU D 357 9.98 7.15 -39.00
CA GLY D 358 10.84 3.43 -39.07
CA THR D 359 13.00 2.73 -36.01
CA SER D 360 11.48 3.56 -32.62
CA GLY D 361 21.48 6.16 -22.84
CA THR D 362 23.78 3.77 -20.97
CA LEU D 363 27.46 3.56 -21.96
CA ILE D 364 27.31 -0.20 -21.61
CA SER D 365 24.50 -1.76 -23.65
CA GLY D 366 21.71 -3.50 -21.73
CA MET D 367 22.48 -6.60 -23.83
CA LYS D 368 25.64 -6.76 -21.70
CA LEU D 369 24.33 -5.35 -18.40
CA ALA D 370 21.94 -8.33 -18.26
CA VAL D 371 24.54 -11.07 -18.73
CA MET D 372 26.72 -9.47 -16.03
CA ASP D 373 26.88 -11.60 -12.88
CA PHE D 374 28.36 -10.61 -9.53
CA ILE D 375 30.24 -12.02 -6.54
CA GLU D 376 28.46 -11.22 -3.28
CA VAL D 377 30.95 -10.58 -0.47
CA THR D 378 31.16 -9.14 3.05
CA PRO D 379 33.43 -6.08 3.10
CA ASP D 380 35.66 -4.76 5.88
CA ASP D 381 35.67 -2.74 8.45
CA HIS D 382 36.87 -0.28 5.82
CA GLY D 383 35.07 -0.29 2.46
CA PHE D 384 37.01 -3.20 0.93
CA HIS D 385 35.28 -5.97 -1.00
CA GLN D 386 37.62 -8.91 -1.72
CA PHE D 387 36.51 -11.03 -4.68
CA LYS D 388 39.61 -13.10 -5.29
CA LYS D 389 42.59 -13.11 -2.91
CA PRO D 390 46.03 -11.92 -4.00
CA GLU D 391 48.40 -14.60 -5.30
CA PRO D 392 52.15 -14.79 -5.98
CA ASP D 393 53.31 -13.79 -9.48
CA ARG D 394 49.91 -12.30 -10.33
CA LYS D 395 50.05 -8.72 -11.66
CA TYR D 396 47.51 -6.25 -10.26
CA ILE D 397 46.47 -2.69 -11.22
CA ALA D 398 44.63 -0.19 -9.02
CA THR D 399 42.66 2.92 -9.92
CA LEU D 400 41.38 5.41 -7.38
CA ASP D 401 38.64 8.00 -7.77
CA CYS D 402 38.68 10.13 -4.64
CA SER D 403 35.83 12.54 -3.96
CA GLU D 404 35.59 15.05 -2.41
CA GLY D 405 32.89 16.01 -1.50
CA ARG D 406 31.98 13.14 0.80
CA GLY D 407 29.19 12.93 0.02
CA GLN D 408 27.90 13.48 -2.62
CA ASP D 409 30.22 11.13 -3.46
CA TYR D 410 32.28 8.04 -2.51
CA HIS D 411 35.95 7.00 -2.66
CA ALA D 412 36.26 4.29 -5.28
CA LEU D 413 39.29 2.00 -5.53
CA HIS D 414 39.43 -0.82 -8.08
CA ILE D 415 42.07 -3.54 -8.06
CA ILE D 416 42.30 -5.39 -11.39
CA ASP D 417 44.11 -8.71 -11.99
CA VAL D 418 46.07 -7.93 -15.16
CA THR D 419 48.10 -11.20 -15.38
CA ASP D 420 45.99 -13.06 -17.97
CA ASP D 421 44.07 -11.75 -20.94
CA VAL D 422 41.22 -11.29 -19.66
CA TRP D 423 41.54 -8.82 -16.81
CA GLU D 424 39.60 -9.43 -13.60
CA GLN D 425 38.32 -7.05 -10.92
CA VAL D 426 39.61 -8.72 -7.73
CA GLY D 427 38.99 -6.01 -5.12
CA VAL D 428 37.01 -2.81 -4.56
CA LEU D 429 37.23 -0.15 -1.88
CA HIS D 430 34.04 1.88 -1.71
CA SER D 431 33.50 4.35 1.12
CA ASN D 432 31.99 7.72 2.00
CA THR D 433 33.13 7.38 5.63
CA ILE D 434 36.94 7.32 5.53
CA SER D 435 38.58 10.76 5.64
CA HIS D 436 40.96 11.65 2.80
CA LEU D 437 43.64 12.14 5.48
CA ILE D 438 43.55 8.55 6.76
CA LEU D 439 42.78 7.15 3.26
CA PRO D 440 46.36 6.83 1.88
CA ASP D 441 47.39 4.39 4.65
CA ILE D 442 44.19 2.37 4.24
CA VAL D 443 44.56 2.14 0.45
CA MET D 444 48.24 1.23 0.84
CA ARG D 445 47.64 -2.03 2.79
CA TYR D 446 45.44 -3.27 -0.07
CA LEU D 447 47.98 -2.17 -2.68
CA VAL D 448 50.71 -3.92 -0.66
CA GLU D 449 48.48 -6.99 -0.06
CA TYR D 450 48.14 -7.36 -3.84
CA ASN D 451 51.87 -7.80 -4.66
CA GLU D 452 52.88 -4.10 -4.43
CA CYS D 453 49.94 -3.07 -6.62
CA PRO D 454 50.73 0.02 -8.71
CA VAL D 455 48.01 2.68 -8.51
CA TYR D 456 46.62 5.28 -10.93
CA ILE D 457 44.96 8.12 -9.00
CA GLU D 458 42.51 10.62 -10.45
CA LEU D 459 44.10 14.01 -9.88
CA ASN D 460 41.11 15.87 -8.48
CA SER D 461 41.40 18.17 -5.44
CA THR D 462 41.43 15.15 -3.12
CA GLY D 463 43.43 12.89 -5.45
CA VAL D 464 46.36 15.31 -5.81
CA SER D 465 46.45 15.27 -2.01
CA VAL D 466 46.32 11.48 -1.44
CA ALA D 467 48.80 10.75 -4.25
CA LYS D 468 51.22 13.05 -2.42
CA SER D 469 50.78 11.10 0.83
CA LEU D 470 51.30 7.81 -1.03
CA TYR D 471 54.35 8.82 -3.07
CA MET D 472 56.07 11.16 -0.56
CA ASP D 473 54.91 10.57 3.03
CA LEU D 474 54.48 6.78 2.76
CA GLU D 475 57.14 6.27 0.03
CA TYR D 476 55.06 3.69 -1.89
CA GLU D 477 57.07 3.42 -5.10
CA GLY D 478 54.09 2.10 -7.06
CA VAL D 479 52.00 5.15 -7.90
CA ILE D 480 51.40 5.75 -11.62
CA CYS D 481 52.01 9.33 -12.81
CA ASP D 482 51.21 11.24 -15.99
CA SER D 483 54.23 13.44 -15.31
CA TYR D 484 56.43 14.44 -12.38
CA THR D 485 54.15 17.38 -11.59
CA ASP D 486 51.05 15.20 -12.01
CA LEU D 487 51.22 12.15 -9.71
CA GLY D 488 48.30 10.30 -11.30
CA MET D 489 45.72 10.80 -14.03
CA LYS D 490 45.29 14.43 -15.07
CA GLN D 491 41.63 15.20 -15.75
CA THR D 492 40.82 16.30 -19.31
CA LYS D 493 37.70 16.21 -21.52
CA ARG D 494 39.46 13.78 -23.89
CA THR D 495 40.90 11.38 -21.27
CA LYS D 496 37.36 10.86 -19.92
CA ALA D 497 35.92 10.43 -23.42
CA VAL D 498 38.40 7.72 -24.55
CA GLY D 499 38.45 6.32 -21.01
CA CYS D 500 34.71 5.72 -21.35
CA SER D 501 35.12 4.44 -24.92
CA THR D 502 37.81 1.97 -23.85
CA LEU D 503 35.85 0.95 -20.75
CA LYS D 504 32.82 0.17 -22.93
CA ASP D 505 35.00 -2.02 -25.17
CA LEU D 506 36.72 -3.77 -22.27
CA ILE D 507 33.43 -4.73 -20.61
CA GLU D 508 31.51 -5.72 -23.75
CA LYS D 509 34.28 -7.73 -25.44
CA ASP D 510 34.80 -9.41 -22.03
CA LYS D 511 38.40 -8.20 -21.70
CA LEU D 512 37.54 -6.81 -18.28
CA ILE D 513 35.43 -8.78 -15.84
CA ILE D 514 33.48 -6.94 -13.15
CA HIS D 515 32.52 -8.88 -9.98
CA HIS D 516 31.12 -6.02 -7.87
CA ARG D 517 27.28 -5.81 -7.83
CA ALA D 518 27.26 -2.09 -6.96
CA THR D 519 29.72 -1.41 -9.78
CA ILE D 520 27.50 -3.22 -12.27
CA GLN D 521 24.52 -1.37 -10.72
CA GLU D 522 26.19 2.00 -11.25
CA PHE D 523 26.73 1.07 -14.91
CA ARG D 524 22.96 0.59 -15.13
CA THR D 525 22.45 4.33 -14.57
CA PHE D 526 25.71 5.50 -16.14
CA SER D 527 24.23 6.96 -19.31
CA GLU D 528 24.06 9.74 -21.92
CA LYS D 529 24.63 13.17 -20.43
CA GLY D 530 25.45 14.67 -23.80
CA VAL D 531 28.05 15.16 -24.79
CA SER D 532 29.48 12.80 -22.16
CA TRP D 533 28.27 10.32 -19.52
CA ALA D 534 26.93 10.48 -15.95
CA ALA D 535 24.85 10.56 -13.61
CA GLU D 536 21.77 10.20 -13.17
CA GLU D 537 20.16 11.72 -11.19
CA GLY D 538 21.94 10.30 -8.15
CA TYR D 539 22.72 7.42 -8.33
CA HIS D 540 26.47 7.78 -7.94
CA ASP D 541 29.08 7.12 -10.65
CA ASP D 542 32.21 6.91 -8.44
CA LEU D 543 32.71 3.19 -9.15
CA VAL D 544 32.28 3.67 -12.91
CA MET D 545 34.46 6.79 -12.97
CA SER D 546 37.28 4.95 -11.20
CA LEU D 547 37.01 2.27 -13.88
CA VAL D 548 37.09 4.95 -16.58
CA ILE D 549 40.48 5.93 -15.09
CA PHE D 550 41.52 2.33 -15.72
CA GLY D 551 39.99 2.41 -19.22
CA TRP D 552 42.16 5.40 -20.09
CA LEU D 553 45.21 3.80 -18.43
CA SER D 554 44.55 0.72 -20.56
CA THR D 555 45.36 2.69 -23.73
CA GLN D 556 48.69 3.89 -22.32
CA SER D 557 51.90 2.24 -23.51
CA LYS D 558 53.41 2.12 -20.00
CA PHE D 559 50.41 0.01 -18.94
CA ILE D 560 51.43 -2.95 -21.14
CA ASP D 561 52.12 -4.15 -18.58
CA TYR D 562 52.68 -3.25 -14.91
CA ASP E 10 -12.53 16.79 -12.55
CA PHE E 11 -15.39 18.55 -10.70
CA HIS E 12 -15.19 21.83 -8.80
CA PRO E 13 -13.85 24.29 -11.43
CA LEU E 14 -11.32 25.76 -8.98
CA ASN E 15 -9.30 22.57 -9.51
CA GLU E 16 -8.86 23.22 -13.26
CA ALA E 17 -5.23 22.11 -13.59
CA GLY E 18 -3.60 19.29 -11.60
CA LYS E 19 -3.32 21.55 -8.54
CA ILE E 20 -5.84 21.14 -5.70
CA LEU E 21 -6.96 24.59 -4.57
CA ILE E 22 -9.98 23.17 -2.69
CA LYS E 23 -10.26 19.90 -0.73
CA HIS E 24 -13.46 17.86 -0.64
CA PRO E 25 -15.52 17.91 2.62
CA SER E 26 -15.18 14.10 3.03
CA LEU E 27 -11.37 14.34 3.28
CA ALA E 28 -11.64 16.62 6.32
CA GLU E 29 -10.88 15.65 9.92
CA ARG E 30 -13.90 14.90 12.13
CA LYS E 31 -14.72 15.34 15.84
CA ASP E 32 -17.79 14.50 17.96
CA GLU E 33 -18.26 16.86 20.92
CA ASP E 34 -21.00 18.61 22.96
CA GLY E 35 -23.72 16.54 21.26
CA ILE E 36 -22.82 17.61 17.71
CA HIS E 37 -20.61 16.44 14.83
CA TRP E 38 -17.77 18.85 14.01
CA ILE E 39 -15.75 19.09 10.81
CA LYS E 40 -12.38 20.86 10.53
CA SER E 41 -11.94 23.56 7.89
CA GLN E 42 -8.98 23.65 5.52
CA TRP E 43 -8.96 27.46 5.40
CA ASP E 44 -8.35 28.27 9.07
CA GLY E 45 -7.94 24.86 10.70
CA LYS E 46 -10.91 25.51 13.00
CA TRP E 47 -13.76 23.19 14.01
CA TYR E 48 -17.17 23.84 12.49
CA PRO E 49 -20.49 22.11 13.29
CA GLU E 50 -21.97 19.91 10.56
CA LYS E 51 -25.41 21.51 10.91
CA PHE E 52 -25.78 25.19 9.93
CA SER E 53 -28.41 25.55 12.67
CA ASP E 54 -25.65 24.66 15.16
CA TYR E 55 -23.40 27.39 13.79
CA LEU E 56 -26.11 30.04 14.33
CA ARG E 57 -26.63 28.61 17.82
CA LEU E 58 -22.94 29.36 18.49
CA HIS E 59 -23.29 32.83 16.97
CA LYS E 60 -26.44 34.11 18.69
CA ILE E 61 -27.61 37.65 18.09
CA VAL E 62 -27.22 39.91 21.15
CA LYS E 63 -29.56 42.88 21.70
CA ILE E 64 -28.25 46.16 23.08
CA PRO E 65 -31.39 47.22 24.97
CA ASN E 66 -32.99 50.68 24.75
CA ASN E 67 -31.68 52.88 27.56
CA SER E 68 -32.57 56.53 28.00
CA ASP E 69 -34.28 55.70 31.32
CA LYS E 70 -31.41 54.54 33.52
CA PRO E 71 -28.33 56.83 33.59
CA GLU E 72 -26.64 54.55 36.15
CA LEU E 73 -26.39 51.81 33.50
CA PHE E 74 -23.70 53.62 31.53
CA GLN E 75 -22.90 50.61 29.28
CA THR E 76 -26.06 51.26 27.25
CA TYR E 77 -27.18 54.70 28.47
CA LYS E 78 -27.88 57.45 25.96
CA ASP E 79 -29.59 60.73 26.88
CA LYS E 80 -31.76 60.58 23.76
CA ASN E 81 -34.83 62.38 25.17
CA ASN E 82 -33.12 65.41 26.69
CA LYS E 83 -32.86 67.51 23.54
CA ARG E 84 -30.40 70.05 25.01
CA SER E 85 -27.90 67.20 25.36
CA ARG E 86 -28.50 66.11 21.76
CA TYR E 87 -26.38 67.48 18.90
CA MET E 88 -28.67 69.29 16.41
CA GLY E 89 -31.59 67.54 18.15
CA LEU E 90 -30.51 64.17 16.76
CA PRO E 91 -31.39 61.49 19.37
CA ASN E 92 -28.35 59.28 18.68
CA LEU E 93 -25.75 62.05 18.99
CA LYS E 94 -24.74 64.09 22.00
CA ARG E 95 -23.90 67.80 21.94
CA ALA E 96 -20.26 68.85 22.25
CA ASN E 97 -18.70 69.80 25.62
CA ILE E 98 -21.14 67.98 27.90
CA LYS E 99 -19.34 67.05 31.12
CA THR E 100 -19.82 63.36 31.91
CA GLN E 101 -20.51 62.33 35.51
CA TRP E 102 -17.56 59.91 35.82
CA THR E 103 -17.86 57.05 38.31
CA ARG E 104 -15.01 54.68 39.22
CA GLU E 105 -16.81 51.83 37.44
CA MET E 106 -17.09 54.00 34.31
CA VAL E 107 -13.43 55.05 34.11
CA GLU E 108 -12.33 51.40 34.19
CA GLU E 109 -14.70 50.38 31.38
CA TRP E 110 -13.67 53.39 29.27
CA LYS E 111 -9.98 52.50 29.72
CA LYS E 112 -10.82 48.86 28.98
CA CYS E 113 -12.42 49.82 25.65
CA ARG E 114 -9.45 52.10 24.89
CA ASP E 115 -6.85 49.36 25.40
CA ASP E 116 -8.86 46.34 24.20
CA ILE E 117 -10.24 47.15 20.73
CA VAL E 118 -11.75 43.69 20.22
CA TYR E 119 -13.70 44.04 23.47
CA PHE E 120 -14.87 47.50 22.41
CA ALA E 121 -15.90 46.11 19.01
CA GLU E 122 -17.72 43.07 20.38
CA THR E 123 -19.57 44.99 23.11
CA TYR E 124 -20.39 48.48 21.93
CA CYS E 125 -20.42 48.48 18.13
CA ALA E 126 -24.00 47.99 16.91
CA ILE E 127 -26.09 48.16 13.70
CA THR E 128 -29.82 48.69 14.49
CA HIS E 129 -31.91 45.82 13.13
CA ILE E 130 -35.54 46.15 12.01
CA ASP E 131 -36.67 42.99 13.86
CA TYR E 132 -34.35 42.94 16.90
CA GLY E 133 -33.58 46.63 17.38
CA VAL E 134 -30.08 47.69 18.34
CA ILE E 135 -27.90 44.57 18.26
CA LYS E 136 -24.19 43.88 18.69
CA VAL E 137 -22.21 43.54 15.49
CA GLN E 138 -21.34 39.85 15.29
CA LEU E 139 -17.66 40.12 14.32
CA ARG E 140 -15.81 37.68 12.08
CA ASP E 141 -12.45 36.01 12.66
CA TYR E 142 -10.82 37.93 9.81
CA GLN E 143 -12.20 41.21 11.21
CA ARG E 144 -10.95 40.41 14.71
CA ASP E 145 -7.46 39.61 13.36
CA MET E 146 -7.58 42.84 11.38
CA LEU E 147 -8.60 44.91 14.43
CA LYS E 148 -5.69 43.52 16.47
CA ILE E 149 -3.20 44.13 13.64
CA MET E 150 -4.49 47.62 12.76
CA SER E 151 -4.29 48.45 16.48
CA SER E 152 -0.97 46.94 17.62
CA LYS E 153 0.99 47.92 14.50
CA ARG E 154 1.72 51.43 13.22
CA MET E 155 1.50 50.48 9.52
CA THR E 156 -0.71 47.70 8.17
CA VAL E 157 -1.61 46.63 4.62
CA CYS E 158 -4.49 44.24 3.91
CA ASN E 159 -4.75 42.32 0.65
CA LEU E 160 -8.40 41.33 0.81
CA SER E 161 -10.98 40.02 -1.63
CA ARG E 162 -14.25 41.73 -2.55
CA GLN E 163 -17.61 40.83 -0.96
CA LEU E 164 -16.14 40.72 2.55
CA GLY E 165 -17.71 43.45 4.68
CA LYS E 166 -14.31 45.00 5.40
CA THR E 167 -15.87 48.46 5.81
CA THR E 168 -17.66 47.10 8.90
CA VAL E 169 -14.28 46.50 10.58
CA VAL E 170 -12.51 49.51 9.06
CA ALA E 171 -15.34 51.67 10.43
CA ILE E 172 -15.11 50.14 13.92
CA PHE E 173 -11.37 50.76 14.06
CA LEU E 174 -11.66 54.36 12.86
CA ALA E 175 -14.45 54.85 15.41
CA HIS E 176 -12.27 53.37 18.18
CA PHE E 177 -9.34 55.58 17.18
CA VAL E 178 -11.20 58.90 17.33
CA CYS E 179 -13.21 57.96 20.45
CA PHE E 180 -10.20 56.99 22.59
CA ASN E 181 -7.56 59.43 21.39
CA LYS E 182 -7.58 63.21 21.87
CA ASP E 183 -6.63 65.63 19.05
CA LYS E 184 -6.24 63.06 16.27
CA ALA E 185 -6.73 63.98 12.62
CA VAL E 186 -7.84 61.09 10.41
CA GLY E 187 -7.87 61.17 6.62
CA ILE E 188 -9.71 58.57 4.58
CA LEU E 189 -8.31 58.52 1.04
CA ALA E 190 -9.94 56.72 -1.90
CA HIS E 191 -10.14 56.84 -5.73
CA LYS E 192 -13.36 58.85 -5.55
CA GLY E 193 -14.17 60.98 -2.49
CA SER E 194 -17.65 59.42 -2.51
CA MET E 195 -16.06 56.07 -1.69
CA SER E 196 -14.22 57.80 1.18
CA ALA E 197 -17.56 59.31 2.22
CA GLU E 198 -19.11 55.83 2.35
CA VAL E 199 -16.37 54.61 4.68
CA LEU E 200 -16.92 57.73 6.81
CA ASP E 201 -20.68 57.10 6.82
CA ARG E 202 -20.10 53.65 8.29
CA THR E 203 -17.84 54.99 11.05
CA LYS E 204 -20.59 57.47 11.87
CA GLN E 205 -23.10 54.60 11.92
CA ALA E 206 -20.86 52.98 14.56
CA ILE E 207 -20.32 56.20 16.54
CA GLU E 208 -24.04 57.11 16.67
CA LEU E 209 -24.91 53.79 18.37
CA LEU E 210 -22.31 54.15 21.13
CA PRO E 211 -23.41 54.81 24.72
CA ASP E 212 -22.98 58.38 26.05
CA PHE E 213 -19.87 57.50 28.09
CA LEU E 214 -17.92 56.29 25.03
CA GLN E 215 -19.36 58.79 22.56
CA PRO E 216 -17.43 62.04 22.52
CA GLY E 217 -19.48 65.16 21.75
CA ILE E 218 -20.18 66.05 18.15
CA VAL E 219 -18.70 69.35 16.89
CA GLU E 220 -19.00 68.76 13.14
CA TRP E 221 -21.03 65.98 11.51
CA ASN E 222 -21.46 65.93 7.75
CA LYS E 223 -20.88 63.83 4.62
CA GLY E 224 -17.33 65.10 4.07
CA SER E 225 -16.03 65.12 7.64
CA ILE E 226 -16.77 64.78 11.35
CA GLU E 227 -15.26 66.45 14.40
CA LEU E 228 -15.55 65.56 18.09
CA ASP E 229 -15.25 67.53 21.34
CA ASN E 230 -11.95 65.78 22.13
CA GLY E 231 -10.25 67.33 19.09
CA SER E 232 -10.23 64.25 16.89
CA SER E 233 -11.56 64.29 13.34
CA ILE E 234 -12.17 62.07 10.32
CA GLY E 235 -11.95 63.49 6.79
CA ALA E 236 -13.18 61.88 3.56
CA TYR E 237 -10.89 62.72 0.62
CA ALA E 238 -10.41 61.72 -2.99
CA SER E 239 -6.77 60.62 -3.07
CA SER E 240 -4.41 63.43 -4.06
CA PRO E 241 -0.92 64.75 -3.16
CA ASP E 242 -2.82 67.91 -2.08
CA ALA E 243 -4.70 66.11 0.72
CA VAL E 244 -1.59 64.62 2.38
CA ARG E 245 0.65 67.73 2.38
CA GLY E 246 -2.14 70.20 3.28
CA ASN E 247 -3.34 68.39 6.42
CA SER E 248 -1.51 67.17 9.53
CA PHE E 249 -2.89 63.62 9.64
CA ALA E 250 -2.40 61.49 12.76
CA MET E 251 -3.80 58.53 10.81
CA ILE E 252 -4.17 57.86 7.09
CA TYR E 253 -6.51 55.14 5.89
CA ILE E 254 -6.16 54.41 2.17
CA ASP E 255 -9.32 52.76 0.82
CA GLU E 256 -9.19 50.49 -2.25
CA CYS E 257 -5.54 51.42 -2.80
CA ALA E 258 -4.77 49.17 -5.78
CA PHE E 259 -7.43 50.95 -7.86
CA ILE E 260 -6.06 54.49 -7.42
CA PRO E 261 -4.54 55.70 -10.73
CA ASN E 262 -1.43 57.93 -10.64
CA PHE E 263 -0.79 56.94 -7.02
CA HIS E 264 3.01 57.37 -7.21
CA ASP E 265 2.90 61.11 -6.39
CA SER E 266 0.29 60.56 -3.65
CA TRP E 267 2.47 57.73 -2.28
CA LEU E 268 5.59 59.94 -2.31
CA ALA E 269 3.52 62.56 -0.44
CA ILE E 270 2.71 59.92 2.20
CA GLN E 271 6.34 58.84 2.78
CA PRO E 272 7.40 61.87 4.89
CA VAL E 273 4.25 61.42 7.02
CA ILE E 274 5.48 57.84 7.55
CA SER E 275 9.18 58.50 8.23
CA SER E 276 9.34 59.60 10.85
CA GLY E 277 8.62 62.71 12.94
CA ARG E 278 4.82 62.48 12.95
CA ARG E 279 4.99 58.71 12.34
CA SER E 280 1.25 58.57 11.68
CA LYS E 281 -0.56 55.26 11.48
CA ILE E 282 -1.07 54.05 7.91
CA ILE E 283 -3.79 51.49 7.21
CA ILE E 284 -4.17 50.23 3.67
CA THR E 285 -6.97 47.87 2.57
CA THR E 286 -7.67 46.76 -1.00
CA THR E 287 -8.38 44.00 -3.45
CA PRO E 288 -5.41 43.48 -5.79
CA ASN E 289 -5.15 45.06 -9.24
CA GLY E 290 -2.48 43.24 -11.24
CA LEU E 291 1.21 44.08 -10.88
CA ASN E 292 0.74 47.78 -10.19
CA HIS E 293 2.10 50.01 -7.41
CA PHE E 294 0.20 47.91 -4.84
CA TYR E 295 2.05 44.71 -5.72
CA ASP E 296 5.24 46.59 -4.78
CA ILE E 297 3.80 47.66 -1.40
CA TRP E 298 2.51 44.16 -0.59
CA THR E 299 5.73 42.48 -1.74
CA ALA E 300 7.82 44.81 0.43
CA ALA E 301 5.49 44.12 3.36
CA VAL E 302 5.35 40.37 2.88
CA GLU E 303 9.13 40.11 2.30
CA GLY E 304 9.64 42.11 5.52
CA LYS E 305 11.32 45.07 3.82
CA SER E 306 8.84 47.83 4.63
CA GLY E 307 7.70 48.26 8.24
CA PHE E 308 4.19 47.38 7.03
CA GLU E 309 2.35 44.44 8.58
CA PRO E 310 0.73 42.34 5.84
CA TYR E 311 -2.67 40.75 6.36
CA THR E 312 -4.96 38.83 3.99
CA ALA E 313 -8.47 37.39 3.90
CA ILE E 314 -10.60 35.95 1.10
CA TRP E 315 -14.05 34.45 0.31
CA ASN E 316 -13.75 31.64 2.86
CA SER E 317 -13.56 34.17 5.72
CA VAL E 318 -17.32 34.52 5.37
CA LYS E 319 -18.19 31.30 7.18
CA GLU E 320 -21.80 31.30 5.91
CA ARG E 321 -20.36 30.16 2.58
CA LEU E 322 -19.02 26.97 4.23
CA TYR E 323 -22.55 25.58 4.47
CA ASN E 324 -24.48 24.32 1.43
CA ASP E 325 -28.17 24.58 0.42
CA GLU E 326 -29.02 21.60 2.66
CA ASP E 327 -27.55 23.46 5.66
CA ILE E 328 -24.65 21.01 5.96
CA PHE E 329 -21.00 21.93 6.36
CA ASP E 330 -19.10 21.45 3.10
CA ASP E 331 -16.17 23.85 3.66
CA GLY E 332 -17.41 26.07 0.82
CA TRP E 333 -17.53 23.37 -1.85
CA GLN E 334 -21.05 24.15 -3.10
CA TRP E 335 -20.98 27.93 -2.66
CA SER E 336 -17.80 28.22 -4.71
CA ILE E 337 -19.12 25.95 -7.47
CA GLN E 338 -22.33 28.02 -7.64
CA THR E 339 -20.43 31.32 -7.54
CA ILE E 340 -18.23 30.11 -10.41
CA ASN E 341 -21.00 28.50 -12.49
CA GLY E 342 -22.96 31.77 -12.19
CA SER E 343 -19.99 33.64 -13.69
CA SER E 344 -16.39 32.61 -14.56
CA LEU E 345 -13.18 31.26 -12.98
CA ALA E 346 -11.32 34.39 -14.10
CA GLN E 347 -13.90 36.54 -12.31
CA PHE E 348 -13.91 34.46 -9.11
CA ARG E 349 -10.14 34.91 -8.92
CA GLN E 350 -10.48 38.71 -9.15
CA GLU E 351 -13.63 38.96 -6.99
CA HIS E 352 -13.01 36.37 -4.27
CA THR E 353 -9.35 35.24 -4.10
CA ALA E 354 -7.07 38.31 -3.78
CA ALA E 355 -4.58 36.85 -6.30
CA PHE E 356 -2.43 39.16 -8.41
CA GLU E 357 -3.14 38.91 -12.16
CA GLY E 358 -0.02 38.13 -14.21
CA THR E 359 2.45 36.42 -11.87
CA SER E 360 1.28 33.21 -10.19
CA GLY E 361 8.12 30.84 2.06
CA THR E 362 11.66 29.60 2.71
CA LEU E 363 14.33 32.07 3.86
CA ILE E 364 16.81 30.46 1.51
CA SER E 365 15.55 30.28 -2.08
CA GLY E 366 14.98 26.81 -3.53
CA MET E 367 17.34 27.85 -6.36
CA LYS E 368 20.03 27.56 -3.68
CA LEU E 369 18.59 24.71 -1.56
CA ALA E 370 18.91 22.47 -4.64
CA VAL E 371 22.57 23.18 -5.39
CA MET E 372 23.45 22.52 -1.73
CA ASP E 373 25.45 19.33 -1.28
CA PHE E 374 26.32 17.63 2.00
CA ILE E 375 29.06 15.61 3.70
CA GLU E 376 27.69 12.38 5.16
CA VAL E 377 29.46 11.48 8.42
CA THR E 378 29.13 9.19 11.44
CA PRO E 379 28.70 11.24 14.62
CA ASP E 380 29.82 10.47 18.18
CA ASP E 381 28.82 9.06 20.94
CA HIS E 382 27.66 12.59 21.68
CA GLY E 383 25.89 14.48 18.89
CA PHE E 384 29.03 15.65 17.10
CA HIS E 385 29.39 15.49 13.32
CA GLN E 386 32.96 16.20 12.18
CA PHE E 387 33.18 17.38 8.56
CA LYS E 388 36.73 18.66 8.43
CA LYS E 389 39.23 18.11 11.26
CA PRO E 390 40.76 21.04 13.16
CA GLU E 391 44.09 22.32 11.87
CA PRO E 392 46.84 24.58 13.26
CA ASP E 393 46.50 28.32 12.54
CA ARG E 394 42.92 27.90 11.32
CA LYS E 395 40.41 30.24 12.99
CA TYR E 396 37.10 28.73 14.11
CA ILE E 397 33.81 30.21 15.39
CA ALA E 398 31.10 28.38 17.34
CA THR E 399 27.44 29.23 17.87
CA LEU E 400 25.18 27.39 20.29
CA ASP E 401 21.41 27.27 20.39
CA CYS E 402 20.43 25.45 23.56
CA SER E 403 16.83 24.36 24.08
CA GLU E 404 15.19 23.82 26.48
CA GLY E 405 12.72 22.12 26.26
CA ARG E 406 14.32 18.85 25.21
CA GLY E 407 12.34 18.09 23.22
CA GLN E 408 10.66 19.82 21.45
CA ASP E 409 13.81 20.83 20.61
CA TYR E 410 17.53 19.99 20.16
CA HIS E 411 20.85 21.49 21.24
CA ALA E 412 22.55 22.88 18.15
CA LEU E 413 26.25 23.75 18.04
CA HIS E 414 27.90 24.95 14.83
CA ILE E 415 31.65 25.27 14.38
CA ILE E 416 32.60 27.47 11.42
CA ASP E 417 36.07 27.71 9.82
CA VAL E 418 36.51 31.49 9.53
CA THR E 419 40.15 31.53 8.29
CA ASP E 420 39.53 32.03 4.55
CA ASP E 421 36.83 33.98 2.78
CA VAL E 422 34.65 31.74 2.35
CA TRP E 423 33.60 30.39 5.75
CA GLU E 424 33.08 26.65 6.17
CA GLN E 425 30.92 24.66 8.58
CA VAL E 426 33.43 22.11 9.92
CA GLY E 427 31.51 20.60 12.85
CA VAL E 428 28.00 20.27 14.27
CA LEU E 429 26.73 19.08 17.64
CA HIS E 430 23.08 18.11 17.45
CA SER E 431 21.41 16.37 20.39
CA ASN E 432 18.17 16.07 22.33
CA THR E 433 19.73 13.54 24.73
CA ILE E 434 22.52 15.40 26.55
CA SER E 435 21.38 17.24 29.70
CA HIS E 436 22.10 20.97 29.88
CA LEU E 437 24.09 20.22 33.06
CA ILE E 438 26.64 17.93 31.37
CA LEU E 439 26.53 19.95 28.11
CA PRO E 440 29.14 22.66 28.93
CA ASP E 441 31.92 20.07 29.41
CA ILE E 442 30.92 18.22 26.24
CA VAL E 443 30.81 21.40 24.14
CA MET E 444 34.14 22.53 25.62
CA ARG E 445 36.18 19.57 24.27
CA TYR E 446 35.03 20.45 20.75
CA LEU E 447 35.75 24.14 21.30
CA VAL E 448 39.19 23.19 22.66
CA GLU E 449 39.75 20.64 19.85
CA TYR E 450 39.22 23.42 17.31
CA ASN E 451 42.10 25.71 18.44
CA GLU E 452 40.36 27.24 21.51
CA CYS E 453 37.23 27.98 19.47
CA PRO E 454 35.40 31.08 20.72
CA VAL E 455 31.67 30.53 21.21
CA TYR E 456 28.56 32.72 20.86
CA ILE E 457 25.72 31.30 22.96
CA GLU E 458 22.05 32.17 22.55
CA LEU E 459 20.98 33.59 25.89
CA ASN E 460 17.75 31.65 26.39
CA SER E 461 16.84 30.07 29.75
CA THR E 462 19.24 27.18 29.10
CA GLY E 463 21.88 29.28 27.31
CA VAL E 464 22.31 31.77 30.17
CA SER E 465 22.94 28.69 32.32
CA VAL E 466 25.49 26.90 30.10
CA ALA E 467 27.38 30.12 29.29
CA LYS E 468 27.83 30.54 33.04
CA SER E 469 29.30 27.04 33.36
CA LEU E 470 31.64 27.69 30.43
CA TYR E 471 32.86 31.14 31.50
CA MET E 472 32.88 30.69 35.30
CA ASP E 473 32.95 27.01 36.33
CA LEU E 474 35.16 25.76 33.49
CA GLU E 475 37.04 29.08 32.97
CA TYR E 476 37.01 28.80 29.15
CA GLU E 477 38.20 32.28 28.18
CA GLY E 478 36.65 32.01 24.71
CA VAL E 479 32.97 32.75 25.18
CA ILE E 480 31.60 35.70 23.19
CA CYS E 481 29.45 38.14 25.18
CA ASP E 482 27.12 41.00 24.25
CA SER E 483 27.93 42.62 27.58
CA TYR E 484 29.24 41.58 31.00
CA THR E 485 25.72 40.85 32.21
CA ASP E 486 24.90 39.00 28.99
CA LEU E 487 27.41 36.20 28.36
CA GLY E 488 26.33 35.47 24.79
CA MET E 489 23.73 36.66 22.28
CA LYS E 490 20.83 38.52 23.86
CA GLN E 491 17.56 37.60 22.14
CA THR E 492 15.72 40.48 20.45
CA LYS E 493 13.22 40.78 17.58
CA ARG E 494 15.81 42.73 15.53
CA THR E 495 18.84 40.47 16.17
CA LYS E 496 16.83 37.53 14.79
CA ALA E 497 15.59 39.57 11.81
CA VAL E 498 19.05 40.75 10.66
CA GLY E 499 20.53 37.41 11.76
CA CYS E 500 18.18 35.73 9.28
CA SER E 501 18.85 38.40 6.65
CA THR E 502 22.62 37.98 6.98
CA LEU E 503 22.33 34.18 7.06
CA LYS E 504 20.36 34.27 3.81
CA ASP E 505 23.10 36.39 2.20
CA LEU E 506 25.94 34.26 3.55
CA ILE E 507 24.45 31.03 2.19
CA GLU E 508 23.28 32.35 -1.19
CA LYS E 509 26.40 34.37 -2.04
CA ASP E 510 28.39 31.27 -0.97
CA LYS E 511 30.23 33.11 1.81
CA LEU E 512 29.14 30.37 4.22
CA ILE E 513 29.30 26.73 3.23
CA ILE E 514 27.03 24.22 4.96
CA HIS E 515 28.09 20.55 4.99
CA HIS E 516 25.45 19.12 7.34
CA ARG E 517 22.54 17.34 5.56
CA ALA E 518 20.13 17.86 8.47
CA THR E 519 21.05 21.55 8.58
CA ILE E 520 20.31 21.92 4.88
CA GLN E 521 17.13 19.87 5.46
CA GLU E 522 15.98 22.23 8.22
CA PHE E 523 16.48 25.15 5.82
CA ARG E 524 14.05 23.39 3.48
CA THR E 525 11.23 23.94 5.99
CA PHE E 526 12.57 27.16 7.52
CA SER E 527 10.06 29.53 5.95
CA GLU E 528 7.70 32.51 6.23
CA LYS E 529 5.99 32.70 9.60
CA GLY E 530 5.09 36.34 9.11
CA VAL E 531 6.50 38.54 10.18
CA SER E 532 9.50 36.28 10.83
CA TRP E 533 10.68 32.73 10.08
CA ALA E 534 10.11 29.23 11.51
CA ALA E 535 8.88 26.36 11.83
CA GLU E 536 6.96 24.45 10.28
CA GLU E 537 5.04 22.56 11.58
CA GLY E 538 7.73 20.45 13.26
CA TYR E 539 10.21 20.01 11.65
CA HIS E 540 12.74 21.59 14.00
CA ASP E 541 14.68 24.81 13.37
CA ASP E 542 17.40 24.41 16.05
CA LEU E 543 20.17 23.99 13.46
CA VAL E 544 19.01 27.01 11.45
CA MET E 545 18.47 29.13 14.56
CA SER E 546 21.99 28.41 15.78
CA LEU E 547 23.24 29.57 12.37
CA VAL E 548 21.10 32.70 12.66
CA ILE E 549 23.10 33.41 15.84
CA PHE E 550 26.20 33.22 13.65
CA GLY E 551 24.54 35.38 10.98
CA TRP E 552 23.96 38.11 13.54
CA LEU E 553 27.49 37.67 14.96
CA SER E 554 28.80 38.06 11.41
CA THR E 555 27.59 41.69 11.34
CA GLN E 556 29.39 42.52 14.59
CA SER E 557 32.66 44.45 14.46
CA LYS E 558 34.32 42.26 17.11
CA PHE E 559 33.73 39.27 14.81
CA ILE E 560 36.16 40.56 12.15
CA ASP E 561 37.84 38.39 13.15
CA TYR E 562 38.15 35.96 16.08
#